data_4BKF
#
_entry.id   4BKF
#
_cell.length_a   300.530
_cell.length_b   300.530
_cell.length_c   300.530
_cell.angle_alpha   90.00
_cell.angle_beta   90.00
_cell.angle_gamma   90.00
#
_symmetry.space_group_name_H-M   'P 43 3 2'
#
loop_
_entity.id
_entity.type
_entity.pdbx_description
1 polymer 'EPHRIN TYPE-A RECEPTOR 4'
2 polymer EPHRIN-B3
#
loop_
_entity_poly.entity_id
_entity_poly.type
_entity_poly.pdbx_seq_one_letter_code
_entity_poly.pdbx_strand_id
1 'polypeptide(L)'
;MGILPSPGMPALLSLVSLLSVLLMGCVAETGVTGSRVYPTNEVTLLDSRSVQGELGWIASPLEGGWEEVSIMDEKNTPIR
TYQVCNVMEPSQNNWLRTDWITREGAQRVYIEIKFTLRDCNSLPGVMGTCKETFNLYYYESDNDKERFIRENQFVKIDTI
AADESFTQVDIGDRIMKLNTEIRDVGPLSKKGFYLAFQDVGACIALVSVRVFYKKCPLTVRNLAQFPDTITGADTSSLVE
VRGSCVNNSEEKDVPKMYCGADGEWLVPIGNCLCNAGHEERSGECQACKIGYYKALSTDATCAKCPPHSYSVWEGATSCT
CDRGFFRADNDAASMPCTRPPSAPLNLISNVNETSVNLEWSSPQNTGGRQDISYNVVCKKCGAGDPSKCRPCGSGVHYTP
QQNGLKTTKVSITDLLAHTNYTFEIWAVNGVSKYNPNPDQSVSVTVTTNQAAPSSIALVQAKEVTRYSVALAWLEPDRPN
GVILEYEVKYYEKDQNERSYRIVRTAARNTDIKGLNPLTSYVFHVRARTAAGYGDFSEPLEVTTNTVPSRIIGDGANSTG
TKHHHHHH
;
A,B
2 'polypeptide(L)'
;MGILPSPGMPALLSLVSLLSVLLMGCVAETGGLSLEPVYWNSANKRFQAEGGYVLYPQIGDRLDLLCPRARPPGPHSSPS
YEFYKLYLVEGAQGRRCEAPPAPNLLLTCDRPDLDLRFTIKFQEYSPNLWGHEFRSHHDYYIIATSDGTREGLESLQGGV
CLTRGMKVLLRVGQGTKHHHHHH
;
C,D
#
# COMPACT_ATOMS: atom_id res chain seq x y z
N THR A 40 20.41 18.90 1.67
CA THR A 40 20.68 18.69 3.12
C THR A 40 20.02 17.40 3.62
N ASN A 41 19.83 16.45 2.71
CA ASN A 41 19.33 15.11 3.04
C ASN A 41 20.27 14.08 2.48
N GLU A 42 21.54 14.16 2.86
CA GLU A 42 22.58 13.33 2.28
C GLU A 42 23.83 13.29 3.16
N VAL A 43 24.34 12.08 3.40
CA VAL A 43 25.44 11.87 4.33
C VAL A 43 26.77 11.81 3.58
N THR A 44 27.72 12.62 4.02
CA THR A 44 29.02 12.74 3.38
C THR A 44 29.92 11.56 3.72
N LEU A 45 30.40 10.85 2.70
CA LEU A 45 31.41 9.79 2.87
C LEU A 45 32.82 10.34 2.68
N LEU A 46 32.94 11.42 1.90
CA LEU A 46 34.19 12.15 1.80
C LEU A 46 33.91 13.57 1.30
N ASP A 47 34.58 14.54 1.90
CA ASP A 47 34.61 15.89 1.38
C ASP A 47 36.04 16.41 1.49
N SER A 48 36.67 16.63 0.35
CA SER A 48 38.05 17.13 0.31
C SER A 48 38.19 18.52 0.95
N ARG A 49 37.09 19.25 1.03
CA ARG A 49 37.09 20.58 1.66
C ARG A 49 37.24 20.50 3.18
N SER A 50 36.87 19.36 3.79
CA SER A 50 36.95 19.22 5.24
C SER A 50 38.38 19.02 5.74
N VAL A 51 39.26 18.55 4.85
CA VAL A 51 40.67 18.31 5.20
C VAL A 51 41.46 19.61 5.28
N GLN A 52 42.02 19.89 6.47
CA GLN A 52 42.73 21.14 6.75
C GLN A 52 44.26 21.02 6.59
N GLY A 53 44.79 19.84 6.90
CA GLY A 53 46.22 19.56 6.71
C GLY A 53 46.50 19.32 5.24
N GLU A 54 46.48 18.06 4.82
CA GLU A 54 46.57 17.75 3.41
C GLU A 54 45.88 16.44 3.05
N LEU A 55 45.39 16.37 1.82
CA LEU A 55 44.71 15.17 1.32
C LEU A 55 45.75 14.06 1.18
N GLY A 56 46.91 14.40 0.62
CA GLY A 56 47.99 13.46 0.44
C GLY A 56 47.55 12.21 -0.31
N TRP A 57 46.84 12.41 -1.41
CA TRP A 57 46.38 11.31 -2.25
C TRP A 57 47.54 10.83 -3.10
N ILE A 58 47.52 9.57 -3.51
CA ILE A 58 48.61 9.02 -4.31
C ILE A 58 48.40 9.40 -5.79
N ALA A 59 49.50 9.66 -6.50
CA ALA A 59 49.44 10.15 -7.88
C ALA A 59 50.51 9.48 -8.74
N SER A 60 50.16 9.16 -9.98
CA SER A 60 51.09 8.55 -10.94
C SER A 60 51.11 9.36 -12.23
N PRO A 61 52.23 10.07 -12.52
CA PRO A 61 53.48 10.20 -11.74
C PRO A 61 53.29 11.03 -10.47
N LEU A 62 54.19 10.83 -9.50
CA LEU A 62 54.10 11.54 -8.22
C LEU A 62 54.51 13.00 -8.34
N GLU A 63 55.34 13.31 -9.33
CA GLU A 63 55.71 14.70 -9.62
C GLU A 63 55.62 14.98 -11.12
N GLY A 64 55.15 16.18 -11.47
CA GLY A 64 55.00 16.60 -12.86
C GLY A 64 53.62 16.32 -13.44
N GLY A 65 52.77 15.67 -12.63
CA GLY A 65 51.39 15.38 -13.02
C GLY A 65 50.45 16.12 -12.09
N TRP A 66 49.46 15.41 -11.55
CA TRP A 66 48.57 16.02 -10.57
C TRP A 66 49.39 16.49 -9.38
N GLU A 67 49.02 17.65 -8.84
CA GLU A 67 49.76 18.25 -7.73
C GLU A 67 48.80 18.96 -6.80
N GLU A 68 49.16 19.01 -5.52
CA GLU A 68 48.28 19.54 -4.50
C GLU A 68 48.63 20.99 -4.19
N VAL A 69 47.61 21.84 -4.16
CA VAL A 69 47.77 23.25 -3.83
C VAL A 69 46.55 23.72 -3.06
N SER A 70 46.72 24.75 -2.24
CA SER A 70 45.59 25.36 -1.56
C SER A 70 44.99 26.50 -2.37
N ILE A 71 43.70 26.77 -2.13
CA ILE A 71 43.02 27.96 -2.66
C ILE A 71 42.14 28.57 -1.59
N MET A 72 41.69 29.79 -1.84
CA MET A 72 40.64 30.42 -1.04
C MET A 72 39.35 30.28 -1.81
N ASP A 73 38.42 29.51 -1.26
CA ASP A 73 37.21 29.08 -1.97
C ASP A 73 36.08 30.10 -1.95
N GLU A 74 34.92 29.69 -2.46
CA GLU A 74 33.69 30.50 -2.53
C GLU A 74 33.23 31.01 -1.17
N LYS A 75 33.46 30.21 -0.14
CA LYS A 75 33.07 30.53 1.23
C LYS A 75 34.19 31.28 1.95
N ASN A 76 35.15 31.82 1.18
CA ASN A 76 36.33 32.49 1.73
C ASN A 76 37.07 31.65 2.78
N THR A 77 37.26 30.38 2.43
CA THR A 77 37.87 29.37 3.29
C THR A 77 38.99 28.66 2.52
N PRO A 78 40.16 28.49 3.15
CA PRO A 78 41.25 27.78 2.49
C PRO A 78 40.95 26.30 2.38
N ILE A 79 41.03 25.74 1.18
CA ILE A 79 40.79 24.32 0.97
C ILE A 79 41.93 23.66 0.19
N ARG A 80 41.87 22.33 0.11
CA ARG A 80 42.88 21.52 -0.52
C ARG A 80 42.38 21.02 -1.87
N THR A 81 43.16 21.30 -2.91
CA THR A 81 42.77 21.02 -4.30
C THR A 81 43.85 20.27 -5.05
N TYR A 82 43.48 19.70 -6.19
CA TYR A 82 44.41 18.99 -7.07
C TYR A 82 44.30 19.52 -8.50
N GLN A 83 45.43 19.69 -9.17
CA GLN A 83 45.46 20.28 -10.49
C GLN A 83 46.58 19.70 -11.34
N VAL A 84 46.41 19.82 -12.66
CA VAL A 84 47.41 19.41 -13.64
C VAL A 84 47.21 20.23 -14.92
N CYS A 85 48.31 20.63 -15.54
CA CYS A 85 48.26 21.48 -16.73
C CYS A 85 49.46 21.20 -17.63
N ASN A 86 49.54 19.96 -18.11
CA ASN A 86 50.60 19.54 -19.01
C ASN A 86 50.08 19.51 -20.45
N VAL A 87 49.51 20.64 -20.89
CA VAL A 87 48.82 20.72 -22.16
C VAL A 87 49.75 20.62 -23.38
N MET A 88 50.99 21.11 -23.25
CA MET A 88 51.99 21.05 -24.33
C MET A 88 52.73 19.70 -24.44
N GLU A 89 52.51 18.80 -23.47
CA GLU A 89 53.22 17.53 -23.45
C GLU A 89 52.31 16.43 -24.02
N PRO A 90 52.85 15.63 -24.95
CA PRO A 90 51.99 14.60 -25.55
C PRO A 90 51.84 13.35 -24.68
N SER A 91 50.86 12.52 -25.02
CA SER A 91 50.67 11.21 -24.42
C SER A 91 50.57 11.28 -22.90
N GLN A 92 49.69 12.15 -22.44
CA GLN A 92 49.46 12.33 -21.01
C GLN A 92 48.54 11.26 -20.46
N ASN A 93 48.94 10.74 -19.32
CA ASN A 93 48.21 9.70 -18.63
C ASN A 93 48.49 9.88 -17.14
N ASN A 94 47.91 10.95 -16.59
CA ASN A 94 48.16 11.35 -15.22
C ASN A 94 47.06 10.85 -14.32
N TRP A 95 47.41 9.97 -13.38
CA TRP A 95 46.43 9.35 -12.49
C TRP A 95 46.51 9.95 -11.10
N LEU A 96 45.33 10.23 -10.54
CA LEU A 96 45.18 10.69 -9.17
C LEU A 96 44.23 9.75 -8.48
N ARG A 97 44.51 9.40 -7.23
CA ARG A 97 43.73 8.39 -6.54
C ARG A 97 43.50 8.75 -5.08
N THR A 98 42.24 8.77 -4.66
CA THR A 98 41.88 9.12 -3.29
C THR A 98 42.33 8.07 -2.30
N ASP A 99 42.25 8.42 -1.03
CA ASP A 99 42.34 7.41 0.02
C ASP A 99 41.10 6.52 -0.03
N TRP A 100 41.14 5.41 0.68
CA TRP A 100 40.02 4.48 0.75
C TRP A 100 38.81 5.16 1.40
N ILE A 101 37.65 5.03 0.76
CA ILE A 101 36.41 5.61 1.28
C ILE A 101 35.47 4.49 1.72
N THR A 102 35.03 4.51 2.97
CA THR A 102 34.05 3.55 3.47
C THR A 102 32.68 3.90 2.92
N ARG A 103 31.91 2.86 2.55
CA ARG A 103 30.54 3.01 2.07
C ARG A 103 29.58 3.40 3.19
N GLU A 104 29.88 2.94 4.40
CA GLU A 104 28.91 2.91 5.48
C GLU A 104 27.68 2.10 5.03
N GLY A 105 27.94 0.98 4.36
CA GLY A 105 26.90 0.04 3.97
C GLY A 105 25.87 0.51 2.94
N ALA A 106 26.11 1.68 2.34
CA ALA A 106 25.23 2.23 1.32
C ALA A 106 25.66 1.68 -0.02
N GLN A 107 24.78 0.94 -0.69
CA GLN A 107 25.14 0.30 -1.96
C GLN A 107 25.19 1.27 -3.15
N ARG A 108 24.44 2.37 -3.09
CA ARG A 108 24.50 3.40 -4.12
C ARG A 108 25.09 4.70 -3.56
N VAL A 109 26.19 5.14 -4.17
CA VAL A 109 26.94 6.30 -3.71
C VAL A 109 27.11 7.35 -4.83
N TYR A 110 26.96 8.63 -4.47
CA TYR A 110 27.02 9.74 -5.41
C TYR A 110 28.34 10.48 -5.29
N ILE A 111 28.89 10.91 -6.42
CA ILE A 111 30.20 11.55 -6.47
C ILE A 111 30.11 12.93 -7.13
N GLU A 112 30.26 13.98 -6.31
CA GLU A 112 30.20 15.37 -6.79
C GLU A 112 31.60 15.93 -6.98
N ILE A 113 31.92 16.29 -8.22
CA ILE A 113 33.20 16.89 -8.57
C ILE A 113 32.99 18.32 -9.05
N LYS A 114 33.57 19.27 -8.32
CA LYS A 114 33.58 20.66 -8.76
C LYS A 114 34.98 20.98 -9.29
N PHE A 115 35.04 21.43 -10.53
CA PHE A 115 36.31 21.62 -11.20
C PHE A 115 36.28 22.81 -12.14
N THR A 116 37.48 23.30 -12.49
CA THR A 116 37.62 24.38 -13.46
C THR A 116 38.62 23.96 -14.53
N LEU A 117 38.45 24.54 -15.72
CA LEU A 117 39.30 24.28 -16.87
C LEU A 117 39.86 25.59 -17.38
N ARG A 118 41.17 25.78 -17.28
CA ARG A 118 41.83 26.95 -17.83
C ARG A 118 41.89 26.76 -19.34
N ASP A 119 41.41 27.77 -20.07
CA ASP A 119 41.42 27.77 -21.52
C ASP A 119 42.86 27.64 -22.01
N CYS A 120 43.15 26.56 -22.74
CA CYS A 120 44.54 26.24 -23.09
C CYS A 120 45.14 27.29 -24.00
N ASN A 121 44.32 27.88 -24.88
CA ASN A 121 44.75 28.99 -25.73
C ASN A 121 44.99 30.33 -25.01
N SER A 122 44.75 30.36 -23.70
CA SER A 122 45.16 31.48 -22.86
C SER A 122 46.59 31.28 -22.33
N LEU A 123 47.15 30.09 -22.54
CA LEU A 123 48.50 29.77 -22.10
C LEU A 123 49.52 30.08 -23.20
N PRO A 124 50.75 30.47 -22.81
CA PRO A 124 51.76 30.84 -23.80
C PRO A 124 52.11 29.68 -24.74
N GLY A 125 52.18 29.97 -26.03
CA GLY A 125 52.59 28.98 -27.02
C GLY A 125 51.51 28.02 -27.49
N VAL A 126 50.54 27.70 -26.63
CA VAL A 126 49.56 26.64 -26.91
C VAL A 126 48.52 27.11 -27.93
N MET A 127 48.62 26.58 -29.15
CA MET A 127 47.83 27.10 -30.28
C MET A 127 46.57 26.28 -30.57
N GLY A 128 46.59 25.00 -30.21
CA GLY A 128 45.66 24.03 -30.79
C GLY A 128 44.31 23.88 -30.10
N THR A 129 43.66 22.75 -30.37
CA THR A 129 42.41 22.38 -29.71
C THR A 129 42.72 21.89 -28.30
N CYS A 130 41.90 22.33 -27.33
CA CYS A 130 42.12 22.02 -25.92
C CYS A 130 41.46 20.70 -25.52
N LYS A 131 42.12 19.94 -24.66
CA LYS A 131 41.49 18.80 -24.00
C LYS A 131 40.52 19.38 -22.98
N GLU A 132 39.26 18.99 -23.05
CA GLU A 132 38.20 19.56 -22.20
C GLU A 132 37.50 18.52 -21.33
N THR A 133 38.12 17.34 -21.21
CA THR A 133 37.56 16.25 -20.43
C THR A 133 38.63 15.59 -19.54
N PHE A 134 38.16 14.88 -18.52
CA PHE A 134 38.97 13.90 -17.82
C PHE A 134 38.09 12.67 -17.57
N ASN A 135 38.70 11.58 -17.11
CA ASN A 135 37.96 10.32 -16.88
C ASN A 135 37.90 9.99 -15.41
N LEU A 136 36.75 9.51 -14.96
CA LEU A 136 36.51 9.16 -13.58
C LEU A 136 36.39 7.64 -13.47
N TYR A 137 37.14 7.05 -12.53
CA TYR A 137 37.11 5.61 -12.31
C TYR A 137 36.83 5.27 -10.85
N TYR A 138 36.56 4.00 -10.60
CA TYR A 138 36.53 3.49 -9.24
C TYR A 138 37.02 2.06 -9.13
N TYR A 139 37.28 1.66 -7.89
CA TYR A 139 37.75 0.32 -7.58
C TYR A 139 37.25 -0.06 -6.20
N GLU A 140 36.42 -1.09 -6.13
CA GLU A 140 35.97 -1.59 -4.84
C GLU A 140 37.06 -2.43 -4.19
N SER A 141 37.22 -2.26 -2.89
CA SER A 141 38.22 -3.02 -2.14
C SER A 141 37.88 -3.08 -0.65
N ASP A 142 38.10 -4.24 -0.05
CA ASP A 142 38.07 -4.36 1.40
C ASP A 142 39.35 -3.76 1.98
N ASN A 143 40.45 -3.85 1.22
CA ASN A 143 41.75 -3.31 1.64
C ASN A 143 41.75 -1.77 1.65
N ASP A 144 42.01 -1.20 2.82
CA ASP A 144 41.99 0.25 3.01
C ASP A 144 43.35 0.91 2.79
N LYS A 145 44.36 0.11 2.44
CA LYS A 145 45.72 0.62 2.20
C LYS A 145 46.32 0.00 0.95
N GLU A 146 45.67 0.22 -0.20
CA GLU A 146 46.23 -0.18 -1.49
C GLU A 146 47.48 0.68 -1.74
N ARG A 147 48.59 0.05 -2.09
CA ARG A 147 49.88 0.74 -2.19
C ARG A 147 50.02 1.55 -3.47
N PHE A 148 49.66 0.94 -4.60
CA PHE A 148 49.93 1.52 -5.91
C PHE A 148 48.67 1.64 -6.76
N ILE A 149 48.71 2.53 -7.74
CA ILE A 149 47.66 2.65 -8.75
C ILE A 149 47.89 1.56 -9.79
N ARG A 150 47.01 0.56 -9.80
CA ARG A 150 47.03 -0.49 -10.82
C ARG A 150 46.01 -0.17 -11.90
N GLU A 151 46.46 0.49 -12.96
CA GLU A 151 45.58 1.11 -13.97
C GLU A 151 44.46 0.21 -14.48
N ASN A 152 44.80 -1.00 -14.89
CA ASN A 152 43.82 -1.92 -15.47
C ASN A 152 42.76 -2.43 -14.47
N GLN A 153 43.02 -2.28 -13.18
CA GLN A 153 42.07 -2.70 -12.13
C GLN A 153 40.95 -1.69 -11.88
N PHE A 154 41.11 -0.46 -12.38
CA PHE A 154 40.09 0.58 -12.20
C PHE A 154 38.99 0.47 -13.26
N VAL A 155 37.75 0.73 -12.84
CA VAL A 155 36.58 0.67 -13.72
C VAL A 155 36.10 2.09 -14.03
N LYS A 156 35.90 2.38 -15.31
CA LYS A 156 35.53 3.73 -15.74
C LYS A 156 34.05 4.03 -15.44
N ILE A 157 33.83 5.06 -14.63
CA ILE A 157 32.48 5.52 -14.34
C ILE A 157 31.99 6.33 -15.54
N ASP A 158 32.77 7.34 -15.93
CA ASP A 158 32.41 8.20 -17.05
C ASP A 158 33.54 9.15 -17.46
N THR A 159 33.48 9.63 -18.69
CA THR A 159 34.27 10.76 -19.13
C THR A 159 33.52 12.05 -18.74
N ILE A 160 34.13 12.89 -17.92
CA ILE A 160 33.48 14.10 -17.42
C ILE A 160 33.93 15.31 -18.25
N ALA A 161 32.96 16.09 -18.73
CA ALA A 161 33.23 17.21 -19.62
C ALA A 161 33.09 18.55 -18.89
N ALA A 162 33.98 19.48 -19.20
CA ALA A 162 33.85 20.86 -18.70
C ALA A 162 32.81 21.62 -19.51
N ASP A 163 31.72 22.01 -18.86
CA ASP A 163 30.70 22.82 -19.51
C ASP A 163 31.29 24.16 -19.93
N GLU A 164 32.27 24.63 -19.15
CA GLU A 164 32.78 25.99 -19.26
C GLU A 164 34.27 26.06 -18.90
N SER A 165 35.00 26.95 -19.56
CA SER A 165 36.39 27.19 -19.24
C SER A 165 36.59 28.65 -18.85
N PHE A 166 37.77 28.96 -18.32
CA PHE A 166 38.10 30.32 -17.90
C PHE A 166 39.49 30.69 -18.42
N THR A 167 39.75 31.99 -18.55
CA THR A 167 41.03 32.49 -19.05
C THR A 167 41.76 33.37 -18.04
N GLN A 168 41.05 33.86 -17.02
CA GLN A 168 41.61 34.76 -16.02
C GLN A 168 41.18 34.33 -14.62
N VAL A 169 42.15 34.26 -13.72
CA VAL A 169 41.89 33.96 -12.32
C VAL A 169 41.03 35.05 -11.69
N ASP A 170 40.15 34.62 -10.80
CA ASP A 170 39.28 35.52 -10.06
C ASP A 170 40.04 36.11 -8.87
N ILE A 171 40.11 37.43 -8.80
CA ILE A 171 40.89 38.15 -7.78
C ILE A 171 40.10 38.33 -6.48
N GLY A 172 39.04 39.13 -6.53
CA GLY A 172 38.25 39.44 -5.33
C GLY A 172 37.23 38.37 -4.94
N ASP A 173 35.95 38.71 -5.07
CA ASP A 173 34.86 37.81 -4.66
C ASP A 173 34.71 36.66 -5.64
N ARG A 174 34.50 35.46 -5.10
CA ARG A 174 34.36 34.25 -5.90
C ARG A 174 33.05 34.24 -6.68
N ILE A 175 33.18 34.22 -8.00
CA ILE A 175 32.05 34.12 -8.91
C ILE A 175 31.82 32.64 -9.23
N MET A 176 30.59 32.18 -9.11
CA MET A 176 30.25 30.76 -9.31
C MET A 176 30.25 30.39 -10.80
N LYS A 177 31.43 30.11 -11.32
CA LYS A 177 31.58 29.65 -12.70
C LYS A 177 32.28 28.30 -12.74
N LEU A 178 32.34 27.62 -11.60
CA LEU A 178 32.89 26.26 -11.58
C LEU A 178 31.94 25.26 -12.18
N ASN A 179 32.51 24.18 -12.70
CA ASN A 179 31.74 23.08 -13.26
C ASN A 179 31.37 22.13 -12.13
N THR A 180 30.13 21.66 -12.12
CA THR A 180 29.69 20.66 -11.15
C THR A 180 29.13 19.46 -11.89
N GLU A 181 29.74 18.30 -11.67
CA GLU A 181 29.30 17.05 -12.28
C GLU A 181 29.10 15.97 -11.22
N ILE A 182 27.92 15.36 -11.22
CA ILE A 182 27.58 14.30 -10.30
C ILE A 182 27.34 13.00 -11.07
N ARG A 183 27.95 11.92 -10.57
CA ARG A 183 27.72 10.58 -11.09
C ARG A 183 27.48 9.68 -9.89
N ASP A 184 26.91 8.50 -10.13
CA ASP A 184 26.75 7.51 -9.06
C ASP A 184 27.31 6.15 -9.44
N VAL A 185 27.62 5.35 -8.42
CA VAL A 185 28.13 3.99 -8.62
C VAL A 185 27.43 3.02 -7.66
N GLY A 186 27.12 1.83 -8.16
CA GLY A 186 26.44 0.81 -7.36
C GLY A 186 25.60 -0.13 -8.19
N PRO A 187 25.19 -1.27 -7.62
CA PRO A 187 25.36 -1.64 -6.21
C PRO A 187 26.80 -1.97 -5.82
N LEU A 188 27.24 -1.41 -4.70
CA LEU A 188 28.57 -1.67 -4.17
C LEU A 188 28.51 -2.90 -3.27
N SER A 189 29.52 -3.76 -3.39
CA SER A 189 29.58 -5.04 -2.67
C SER A 189 30.53 -5.05 -1.48
N LYS A 190 31.63 -4.30 -1.57
CA LYS A 190 32.74 -4.41 -0.61
C LYS A 190 32.71 -3.30 0.42
N LYS A 191 33.57 -3.40 1.44
CA LYS A 191 33.59 -2.45 2.57
C LYS A 191 33.73 -1.00 2.13
N GLY A 192 34.58 -0.75 1.14
CA GLY A 192 34.83 0.60 0.65
C GLY A 192 35.43 0.60 -0.75
N PHE A 193 35.83 1.78 -1.21
CA PHE A 193 36.25 1.94 -2.59
C PHE A 193 37.19 3.13 -2.77
N TYR A 194 37.86 3.15 -3.92
CA TYR A 194 38.75 4.24 -4.31
C TYR A 194 38.21 4.94 -5.54
N LEU A 195 38.34 6.26 -5.57
CA LEU A 195 38.07 7.04 -6.78
C LEU A 195 39.38 7.45 -7.40
N ALA A 196 39.44 7.38 -8.73
CA ALA A 196 40.64 7.83 -9.44
C ALA A 196 40.24 8.76 -10.57
N PHE A 197 41.12 9.70 -10.90
CA PHE A 197 40.91 10.63 -12.00
C PHE A 197 42.07 10.48 -12.96
N GLN A 198 41.76 10.39 -14.25
CA GLN A 198 42.77 10.32 -15.28
C GLN A 198 42.73 11.59 -16.10
N ASP A 199 43.86 12.30 -16.11
CA ASP A 199 44.01 13.43 -17.00
C ASP A 199 44.79 12.99 -18.23
N VAL A 200 44.32 13.42 -19.41
CA VAL A 200 44.93 13.09 -20.69
C VAL A 200 45.46 14.33 -21.42
N GLY A 201 45.71 15.41 -20.67
CA GLY A 201 46.33 16.62 -21.22
C GLY A 201 45.50 17.88 -21.15
N ALA A 202 44.66 18.00 -20.12
CA ALA A 202 43.85 19.19 -19.90
C ALA A 202 44.56 20.12 -18.91
N CYS A 203 44.08 21.36 -18.83
CA CYS A 203 44.57 22.29 -17.82
C CYS A 203 43.46 22.46 -16.79
N ILE A 204 43.50 21.61 -15.77
CA ILE A 204 42.32 21.36 -14.94
C ILE A 204 42.63 21.42 -13.44
N ALA A 205 41.67 21.91 -12.68
CA ALA A 205 41.78 21.94 -11.23
C ALA A 205 40.52 21.31 -10.67
N LEU A 206 40.70 20.28 -9.86
CA LEU A 206 39.61 19.73 -9.07
C LEU A 206 39.48 20.59 -7.82
N VAL A 207 38.42 21.41 -7.75
CA VAL A 207 38.24 22.33 -6.64
C VAL A 207 37.76 21.61 -5.39
N SER A 208 36.81 20.67 -5.56
CA SER A 208 36.38 19.81 -4.46
C SER A 208 35.84 18.49 -4.97
N VAL A 209 35.99 17.46 -4.14
CA VAL A 209 35.40 16.16 -4.40
C VAL A 209 34.55 15.80 -3.22
N ARG A 210 33.28 15.50 -3.49
CA ARG A 210 32.35 15.15 -2.43
C ARG A 210 31.65 13.85 -2.79
N VAL A 211 31.78 12.87 -1.90
CA VAL A 211 31.19 11.56 -2.08
C VAL A 211 30.14 11.41 -0.99
N PHE A 212 28.91 11.06 -1.37
CA PHE A 212 27.82 10.96 -0.42
C PHE A 212 26.77 9.92 -0.83
N TYR A 213 25.94 9.55 0.13
CA TYR A 213 24.76 8.77 -0.16
C TYR A 213 23.54 9.55 0.29
N LYS A 214 22.40 9.26 -0.33
CA LYS A 214 21.14 9.89 0.05
C LYS A 214 20.51 9.08 1.17
N LYS A 215 19.35 9.76 1.34
CA LYS A 215 18.70 9.03 2.43
C LYS A 215 17.29 9.52 2.76
N CYS A 216 16.43 8.59 3.21
CA CYS A 216 15.06 8.87 3.61
C CYS A 216 15.04 9.35 5.08
N PRO A 217 14.57 10.59 5.36
CA PRO A 217 14.60 11.11 6.73
C PRO A 217 13.63 10.48 7.72
N LEU A 218 13.94 10.60 9.02
CA LEU A 218 13.13 10.10 10.14
C LEU A 218 11.90 11.00 10.29
N THR A 219 10.73 10.48 9.83
CA THR A 219 9.45 11.20 9.86
C THR A 219 8.32 10.35 10.45
N VAL A 220 7.39 11.00 11.17
CA VAL A 220 6.24 10.37 11.80
C VAL A 220 4.97 10.74 11.03
N ARG A 221 4.39 9.75 10.32
CA ARG A 221 3.16 9.91 9.53
C ARG A 221 2.18 8.79 9.88
N ASN A 222 0.86 9.11 9.89
CA ASN A 222 -0.25 8.21 10.20
C ASN A 222 -0.12 7.59 11.61
N LEU A 223 0.41 8.39 12.56
CA LEU A 223 0.67 8.05 13.97
C LEU A 223 1.57 6.82 14.16
N ALA A 224 2.68 6.78 13.40
CA ALA A 224 3.69 5.71 13.42
C ALA A 224 5.08 6.26 13.10
N GLN A 225 6.09 5.81 13.86
CA GLN A 225 7.49 6.23 13.72
C GLN A 225 8.22 5.43 12.63
N PHE A 226 9.01 6.12 11.79
CA PHE A 226 9.80 5.52 10.71
C PHE A 226 11.29 5.90 10.83
N PRO A 227 12.22 4.93 10.87
CA PRO A 227 13.64 5.29 11.02
C PRO A 227 14.32 5.69 9.71
N ASP A 228 15.55 6.22 9.80
CA ASP A 228 16.36 6.65 8.66
C ASP A 228 16.84 5.44 7.86
N THR A 229 16.47 5.38 6.57
CA THR A 229 16.83 4.29 5.67
C THR A 229 17.57 4.76 4.41
N ILE A 230 18.62 4.02 4.04
CA ILE A 230 19.44 4.33 2.86
C ILE A 230 18.72 3.94 1.56
N THR A 231 18.98 4.68 0.47
CA THR A 231 18.38 4.46 -0.85
C THR A 231 18.83 3.13 -1.48
N GLY A 232 17.98 2.58 -2.34
CA GLY A 232 18.23 1.32 -3.03
C GLY A 232 19.36 1.41 -4.04
N ALA A 233 19.99 0.25 -4.35
CA ALA A 233 21.11 0.13 -5.29
C ALA A 233 20.71 0.44 -6.73
N ASP A 234 19.45 0.21 -7.10
CA ASP A 234 18.93 0.46 -8.45
C ASP A 234 17.78 1.47 -8.43
N THR A 235 17.59 2.20 -9.55
CA THR A 235 16.53 3.19 -9.72
C THR A 235 15.16 2.49 -9.83
N SER A 236 15.14 1.27 -10.41
CA SER A 236 13.93 0.47 -10.59
C SER A 236 13.60 -0.41 -9.36
N SER A 237 14.38 -0.27 -8.26
CA SER A 237 14.17 -1.03 -7.03
C SER A 237 13.76 -0.11 -5.87
N LEU A 238 12.67 -0.47 -5.16
CA LEU A 238 12.15 0.26 -4.01
C LEU A 238 12.46 -0.47 -2.70
N VAL A 239 12.68 0.31 -1.62
CA VAL A 239 13.00 -0.23 -0.29
C VAL A 239 11.76 -0.23 0.60
N GLU A 240 11.37 -1.43 1.11
CA GLU A 240 10.23 -1.61 2.00
C GLU A 240 10.65 -1.25 3.42
N VAL A 241 10.05 -0.18 3.98
CA VAL A 241 10.36 0.31 5.33
C VAL A 241 9.18 0.11 6.27
N ARG A 242 9.35 -0.76 7.28
CA ARG A 242 8.33 -1.03 8.30
C ARG A 242 8.83 -0.59 9.67
N GLY A 243 8.26 0.51 10.16
CA GLY A 243 8.62 1.11 11.44
C GLY A 243 7.64 0.83 12.57
N SER A 244 8.17 0.73 13.80
CA SER A 244 7.39 0.45 15.01
C SER A 244 6.53 1.65 15.44
N CYS A 245 5.34 1.37 16.00
CA CYS A 245 4.38 2.36 16.46
C CYS A 245 4.72 2.90 17.86
N VAL A 246 4.05 3.99 18.27
CA VAL A 246 4.18 4.68 19.57
C VAL A 246 3.79 3.73 20.72
N ASN A 247 4.49 3.83 21.87
CA ASN A 247 4.27 3.04 23.09
C ASN A 247 2.84 3.15 23.64
N ASN A 248 2.21 4.34 23.49
CA ASN A 248 0.84 4.61 23.93
C ASN A 248 -0.15 4.50 22.75
N SER A 249 0.08 3.52 21.86
CA SER A 249 -0.74 3.25 20.67
C SER A 249 -0.65 1.77 20.26
N GLU A 250 -1.76 1.21 19.77
CA GLU A 250 -1.86 -0.18 19.33
C GLU A 250 -1.96 -0.28 17.80
N GLU A 251 -1.22 -1.23 17.20
CA GLU A 251 -1.20 -1.47 15.76
C GLU A 251 -2.46 -2.20 15.28
N LYS A 252 -3.35 -1.46 14.60
CA LYS A 252 -4.60 -1.99 14.04
C LYS A 252 -4.34 -2.51 12.63
N ASP A 253 -3.60 -1.72 11.82
CA ASP A 253 -3.20 -2.05 10.46
C ASP A 253 -1.68 -1.95 10.36
N VAL A 254 -1.03 -2.92 9.68
CA VAL A 254 0.43 -3.00 9.52
C VAL A 254 1.00 -1.77 8.77
N PRO A 255 1.80 -0.92 9.44
CA PRO A 255 2.33 0.27 8.76
C PRO A 255 3.58 0.01 7.93
N LYS A 256 3.61 0.56 6.71
CA LYS A 256 4.73 0.43 5.77
C LYS A 256 4.88 1.62 4.83
N MET A 257 6.13 1.97 4.50
CA MET A 257 6.49 3.06 3.59
C MET A 257 7.55 2.61 2.60
N TYR A 258 7.55 3.22 1.39
CA TYR A 258 8.51 2.85 0.34
C TYR A 258 9.54 3.94 0.04
N CYS A 259 10.76 3.76 0.59
CA CYS A 259 11.90 4.66 0.44
C CYS A 259 12.45 4.61 -1.00
N GLY A 260 12.18 5.67 -1.76
CA GLY A 260 12.61 5.80 -3.15
C GLY A 260 14.05 6.20 -3.31
N ALA A 261 14.56 6.15 -4.56
CA ALA A 261 15.94 6.49 -4.92
C ALA A 261 16.28 7.97 -4.73
N ASP A 262 15.25 8.85 -4.76
CA ASP A 262 15.39 10.31 -4.59
C ASP A 262 15.67 10.74 -3.14
N GLY A 263 15.50 9.81 -2.20
CA GLY A 263 15.73 10.04 -0.77
C GLY A 263 14.47 10.44 -0.01
N GLU A 264 13.30 9.92 -0.42
CA GLU A 264 12.01 10.20 0.19
C GLU A 264 11.01 9.08 -0.03
N TRP A 265 10.09 8.89 0.95
CA TRP A 265 9.04 7.87 0.91
C TRP A 265 7.99 8.19 -0.17
N LEU A 266 7.30 7.15 -0.67
CA LEU A 266 6.31 7.30 -1.74
C LEU A 266 4.85 7.21 -1.29
N VAL A 267 4.34 5.98 -1.02
CA VAL A 267 2.95 5.76 -0.62
C VAL A 267 2.82 5.18 0.79
N PRO A 268 2.12 5.88 1.73
CA PRO A 268 1.93 5.31 3.08
C PRO A 268 0.80 4.30 3.09
N ILE A 269 1.06 3.08 3.61
CA ILE A 269 0.06 2.01 3.70
C ILE A 269 0.02 1.46 5.12
N GLY A 270 -1.16 1.53 5.74
CA GLY A 270 -1.39 1.06 7.09
C GLY A 270 -1.24 2.15 8.14
N ASN A 271 -2.33 2.44 8.86
CA ASN A 271 -2.38 3.45 9.92
C ASN A 271 -2.46 2.85 11.32
N CYS A 272 -1.70 3.42 12.27
CA CYS A 272 -1.65 2.98 13.66
C CYS A 272 -2.54 3.89 14.53
N LEU A 273 -3.71 3.37 14.95
CA LEU A 273 -4.71 4.08 15.75
C LEU A 273 -4.26 4.20 17.21
N CYS A 274 -4.53 5.36 17.85
CA CYS A 274 -4.16 5.65 19.24
C CYS A 274 -4.90 4.73 20.23
N ASN A 275 -4.19 4.31 21.30
CA ASN A 275 -4.72 3.42 22.34
C ASN A 275 -5.84 4.09 23.15
N ALA A 276 -6.63 3.27 23.87
CA ALA A 276 -7.76 3.72 24.70
C ALA A 276 -7.28 4.62 25.84
N GLY A 277 -7.73 5.88 25.81
CA GLY A 277 -7.37 6.90 26.77
C GLY A 277 -6.27 7.82 26.27
N HIS A 278 -6.09 7.88 24.93
CA HIS A 278 -5.08 8.68 24.24
C HIS A 278 -5.66 9.23 22.91
N GLU A 279 -5.53 10.55 22.68
CA GLU A 279 -6.03 11.24 21.48
C GLU A 279 -4.94 11.53 20.43
N GLU A 280 -5.35 12.01 19.24
CA GLU A 280 -4.45 12.37 18.13
C GLU A 280 -3.65 13.64 18.44
N ARG A 281 -2.35 13.63 18.07
CA ARG A 281 -1.42 14.74 18.29
C ARG A 281 -0.30 14.73 17.25
N SER A 282 0.35 15.91 17.05
CA SER A 282 1.47 16.16 16.12
C SER A 282 2.60 15.12 16.21
N GLY A 283 2.90 14.68 17.43
CA GLY A 283 3.93 13.69 17.71
C GLY A 283 3.35 12.35 18.15
N GLU A 284 3.45 12.06 19.46
CA GLU A 284 2.95 10.82 20.08
C GLU A 284 1.49 10.99 20.55
N CYS A 285 0.78 9.88 20.79
CA CYS A 285 -0.62 9.90 21.26
C CYS A 285 -0.71 10.52 22.67
N GLN A 286 -1.26 11.74 22.75
CA GLN A 286 -1.42 12.49 24.00
C GLN A 286 -2.62 11.97 24.79
N ALA A 287 -2.44 11.71 26.10
CA ALA A 287 -3.49 11.19 26.99
C ALA A 287 -4.61 12.20 27.24
N CYS A 288 -5.83 11.69 27.55
CA CYS A 288 -7.02 12.51 27.83
C CYS A 288 -6.84 13.31 29.11
N LYS A 289 -7.21 14.61 29.08
CA LYS A 289 -7.11 15.53 30.21
C LYS A 289 -8.08 15.17 31.36
N ILE A 290 -7.92 15.82 32.53
CA ILE A 290 -8.77 15.60 33.71
C ILE A 290 -10.23 15.99 33.39
N GLY A 291 -11.07 14.96 33.29
CA GLY A 291 -12.49 15.10 32.96
C GLY A 291 -12.82 14.65 31.54
N TYR A 292 -11.97 13.77 30.97
CA TYR A 292 -12.13 13.23 29.63
C TYR A 292 -11.83 11.72 29.60
N TYR A 293 -12.54 10.98 28.73
CA TYR A 293 -12.39 9.53 28.59
C TYR A 293 -12.40 9.02 27.14
N LYS A 294 -11.89 7.80 26.93
CA LYS A 294 -11.84 7.11 25.64
C LYS A 294 -11.85 5.59 25.89
N ALA A 295 -13.03 4.98 25.76
CA ALA A 295 -13.25 3.55 26.01
C ALA A 295 -12.63 2.64 24.93
N LEU A 296 -12.89 2.94 23.65
CA LEU A 296 -12.39 2.16 22.51
C LEU A 296 -11.44 2.97 21.62
N SER A 297 -10.56 2.27 20.86
CA SER A 297 -9.61 2.88 19.95
C SER A 297 -10.32 3.43 18.71
N THR A 298 -10.64 4.72 18.75
CA THR A 298 -11.34 5.45 17.69
C THR A 298 -10.50 6.67 17.26
N ASP A 299 -10.67 7.15 16.01
CA ASP A 299 -9.95 8.30 15.48
C ASP A 299 -10.37 9.62 16.16
N ALA A 300 -11.63 9.67 16.67
CA ALA A 300 -12.20 10.83 17.37
C ALA A 300 -11.49 11.12 18.69
N THR A 301 -11.41 12.40 19.08
CA THR A 301 -10.77 12.88 20.30
C THR A 301 -11.50 12.49 21.59
N CYS A 302 -10.86 12.69 22.76
CA CYS A 302 -11.39 12.38 24.09
C CYS A 302 -12.66 13.16 24.39
N ALA A 303 -13.74 12.45 24.74
CA ALA A 303 -15.03 13.05 25.08
C ALA A 303 -15.14 13.32 26.58
N LYS A 304 -15.86 14.40 26.95
CA LYS A 304 -16.08 14.82 28.34
C LYS A 304 -16.92 13.78 29.10
N CYS A 305 -16.73 13.69 30.44
CA CYS A 305 -17.44 12.76 31.32
C CYS A 305 -18.96 12.90 31.19
N PRO A 306 -19.73 11.78 31.15
CA PRO A 306 -21.20 11.89 31.02
C PRO A 306 -21.88 12.47 32.27
N PRO A 307 -23.14 12.97 32.21
CA PRO A 307 -23.77 13.53 33.42
C PRO A 307 -23.81 12.58 34.61
N HIS A 308 -23.61 13.13 35.84
CA HIS A 308 -23.58 12.42 37.12
C HIS A 308 -22.42 11.40 37.22
N SER A 309 -21.22 11.80 36.74
CA SER A 309 -20.02 10.97 36.76
C SER A 309 -18.81 11.73 37.30
N TYR A 310 -18.07 11.11 38.23
CA TYR A 310 -16.88 11.65 38.89
C TYR A 310 -15.69 11.74 37.92
N SER A 311 -14.94 12.86 37.99
CA SER A 311 -13.77 13.12 37.16
C SER A 311 -12.56 12.30 37.61
N VAL A 312 -11.95 11.57 36.68
CA VAL A 312 -10.79 10.70 36.93
C VAL A 312 -9.49 11.43 36.51
N TRP A 313 -8.32 10.90 36.93
CA TRP A 313 -6.98 11.42 36.63
C TRP A 313 -6.65 11.34 35.13
N GLU A 314 -5.59 12.07 34.70
CA GLU A 314 -5.12 12.16 33.31
C GLU A 314 -4.84 10.78 32.70
N GLY A 315 -5.45 10.52 31.55
CA GLY A 315 -5.33 9.26 30.82
C GLY A 315 -6.22 8.17 31.37
N ALA A 316 -7.54 8.42 31.38
CA ALA A 316 -8.55 7.50 31.88
C ALA A 316 -9.31 6.79 30.76
N THR A 317 -9.66 5.50 31.00
CA THR A 317 -10.40 4.66 30.05
C THR A 317 -11.89 5.03 30.04
N SER A 318 -12.49 5.19 31.24
CA SER A 318 -13.90 5.55 31.42
C SER A 318 -14.11 6.35 32.69
N CYS A 319 -14.98 7.39 32.64
CA CYS A 319 -15.29 8.25 33.78
C CYS A 319 -16.11 7.48 34.82
N THR A 320 -15.51 7.28 36.02
CA THR A 320 -16.11 6.56 37.14
C THR A 320 -17.33 7.31 37.71
N CYS A 321 -18.32 6.56 38.21
CA CYS A 321 -19.54 7.13 38.77
C CYS A 321 -19.37 7.43 40.26
N ASP A 322 -19.85 8.61 40.70
CA ASP A 322 -19.79 9.06 42.09
C ASP A 322 -20.79 8.31 42.98
N ARG A 323 -20.68 8.47 44.32
CA ARG A 323 -21.54 7.83 45.33
C ARG A 323 -23.03 8.07 45.06
N GLY A 324 -23.80 6.98 45.07
CA GLY A 324 -25.24 6.99 44.81
C GLY A 324 -25.60 6.59 43.40
N PHE A 325 -24.61 6.63 42.48
CA PHE A 325 -24.77 6.28 41.07
C PHE A 325 -23.83 5.12 40.70
N PHE A 326 -24.34 4.13 39.94
CA PHE A 326 -23.57 2.97 39.48
C PHE A 326 -23.92 2.59 38.04
N ARG A 327 -22.91 2.19 37.26
CA ARG A 327 -23.06 1.79 35.85
C ARG A 327 -23.07 0.28 35.67
N ALA A 328 -23.96 -0.23 34.81
CA ALA A 328 -24.11 -1.66 34.51
C ALA A 328 -22.98 -2.21 33.63
N ASP A 329 -22.68 -3.52 33.77
CA ASP A 329 -21.65 -4.23 33.02
C ASP A 329 -22.00 -4.34 31.53
N ASN A 330 -23.26 -4.70 31.21
CA ASN A 330 -23.75 -4.86 29.84
C ASN A 330 -23.95 -3.50 29.14
N ASP A 331 -24.21 -2.43 29.93
CA ASP A 331 -24.42 -1.07 29.46
C ASP A 331 -23.12 -0.44 28.94
N ALA A 332 -23.22 0.34 27.85
CA ALA A 332 -22.09 1.02 27.20
C ALA A 332 -21.51 2.16 28.06
N ALA A 333 -20.23 2.48 27.84
CA ALA A 333 -19.48 3.54 28.55
C ALA A 333 -19.99 4.95 28.22
N SER A 334 -20.56 5.13 27.00
CA SER A 334 -21.12 6.40 26.51
C SER A 334 -22.35 6.87 27.29
N MET A 335 -23.15 5.91 27.81
CA MET A 335 -24.36 6.17 28.58
C MET A 335 -24.05 6.77 29.96
N PRO A 336 -24.86 7.75 30.45
CA PRO A 336 -24.59 8.33 31.77
C PRO A 336 -24.95 7.42 32.95
N CYS A 337 -24.41 7.71 34.15
CA CYS A 337 -24.64 6.95 35.38
C CYS A 337 -26.10 7.07 35.82
N THR A 338 -26.69 5.94 36.26
CA THR A 338 -28.10 5.90 36.68
C THR A 338 -28.30 5.60 38.17
N ARG A 339 -29.57 6.89 37.34
CA ARG A 339 -30.10 6.98 38.70
C ARG A 339 -30.90 5.72 39.08
N PRO A 340 -31.08 5.40 40.40
CA PRO A 340 -31.89 4.22 40.76
C PRO A 340 -33.39 4.45 40.47
N PRO A 341 -34.20 3.40 40.21
CA PRO A 341 -35.62 3.63 39.89
C PRO A 341 -36.50 3.96 41.10
N SER A 342 -37.73 4.43 40.84
CA SER A 342 -38.72 4.76 41.86
C SER A 342 -39.83 3.70 41.86
N ALA A 343 -40.47 3.50 43.03
CA ALA A 343 -41.56 2.53 43.18
C ALA A 343 -42.89 3.15 42.69
N PRO A 344 -43.79 2.37 42.04
CA PRO A 344 -45.06 2.94 41.57
C PRO A 344 -46.04 3.21 42.72
N LEU A 345 -46.31 4.52 42.98
CA LEU A 345 -47.16 5.03 44.06
C LEU A 345 -48.55 4.39 44.19
N ASN A 346 -49.25 4.18 43.07
CA ASN A 346 -50.59 3.59 43.04
C ASN A 346 -50.59 2.08 42.88
N LEU A 347 -51.40 1.38 43.70
CA LEU A 347 -51.54 -0.07 43.67
C LEU A 347 -53.01 -0.49 43.76
N ILE A 348 -53.49 -1.19 42.72
CA ILE A 348 -54.86 -1.67 42.62
C ILE A 348 -54.87 -3.19 42.85
N SER A 349 -55.70 -3.66 43.80
CA SER A 349 -55.78 -5.07 44.15
C SER A 349 -57.20 -5.63 44.21
N ASN A 350 -57.44 -6.73 43.50
CA ASN A 350 -58.72 -7.45 43.43
C ASN A 350 -58.51 -8.87 43.96
N VAL A 351 -59.42 -9.34 44.84
CA VAL A 351 -59.30 -10.68 45.41
C VAL A 351 -60.40 -11.67 44.99
N ASN A 352 -60.02 -12.95 44.92
CA ASN A 352 -60.87 -14.09 44.61
C ASN A 352 -60.79 -15.03 45.84
N GLU A 353 -61.57 -16.13 45.83
CA GLU A 353 -61.66 -17.11 46.92
C GLU A 353 -60.29 -17.65 47.38
N THR A 354 -59.39 -17.98 46.42
CA THR A 354 -58.05 -18.50 46.70
C THR A 354 -56.92 -17.74 45.99
N SER A 355 -57.26 -16.89 45.00
CA SER A 355 -56.28 -16.12 44.22
C SER A 355 -56.39 -14.61 44.41
N VAL A 356 -55.33 -13.86 44.05
CA VAL A 356 -55.25 -12.40 44.16
C VAL A 356 -54.60 -11.78 42.89
N ASN A 357 -55.26 -10.75 42.33
CA ASN A 357 -54.80 -10.02 41.14
C ASN A 357 -54.27 -8.64 41.51
N LEU A 358 -53.07 -8.29 41.00
CA LEU A 358 -52.42 -7.01 41.28
C LEU A 358 -52.11 -6.20 40.01
N GLU A 359 -52.27 -4.86 40.10
CA GLU A 359 -52.04 -3.93 39.00
C GLU A 359 -51.46 -2.61 39.52
N TRP A 360 -50.50 -2.04 38.78
CA TRP A 360 -49.81 -0.78 39.11
C TRP A 360 -49.45 0.01 37.85
N SER A 361 -49.17 1.32 38.01
CA SER A 361 -48.79 2.21 36.90
C SER A 361 -47.27 2.24 36.69
N SER A 362 -46.81 3.00 35.68
CA SER A 362 -45.39 3.17 35.34
C SER A 362 -44.66 3.97 36.43
N PRO A 363 -43.35 3.71 36.70
CA PRO A 363 -42.64 4.47 37.74
C PRO A 363 -42.48 5.96 37.42
N GLN A 364 -42.40 6.78 38.49
CA GLN A 364 -42.25 8.24 38.39
C GLN A 364 -40.88 8.62 37.82
N ASN A 365 -39.80 8.21 38.49
CA ASN A 365 -38.42 8.46 38.07
C ASN A 365 -37.83 7.19 37.47
N THR A 366 -37.64 7.21 36.14
CA THR A 366 -37.11 6.08 35.36
C THR A 366 -35.63 5.82 35.70
N GLY A 367 -34.87 6.89 35.86
CA GLY A 367 -33.44 6.84 36.15
C GLY A 367 -32.57 7.02 34.93
N GLY A 368 -33.09 6.58 33.78
CA GLY A 368 -32.42 6.67 32.49
C GLY A 368 -32.19 5.34 31.80
N ARG A 369 -32.94 4.29 32.21
CA ARG A 369 -32.81 2.95 31.64
C ARG A 369 -34.12 2.41 31.10
N GLN A 370 -34.06 1.78 29.91
CA GLN A 370 -35.22 1.18 29.23
C GLN A 370 -35.65 -0.14 29.85
N ASP A 371 -34.70 -0.89 30.45
CA ASP A 371 -34.95 -2.19 31.08
C ASP A 371 -35.49 -2.08 32.52
N ILE A 372 -36.83 -1.99 32.64
CA ILE A 372 -37.52 -1.88 33.92
C ILE A 372 -38.28 -3.17 34.21
N SER A 373 -37.96 -3.81 35.35
CA SER A 373 -38.59 -5.05 35.80
C SER A 373 -39.20 -4.89 37.19
N TYR A 374 -40.13 -5.80 37.57
CA TYR A 374 -40.80 -5.75 38.86
C TYR A 374 -40.67 -7.08 39.60
N ASN A 375 -40.26 -7.03 40.89
CA ASN A 375 -40.10 -8.19 41.75
C ASN A 375 -41.16 -8.20 42.85
N VAL A 376 -41.97 -9.27 42.90
CA VAL A 376 -43.04 -9.44 43.89
C VAL A 376 -42.50 -10.29 45.06
N VAL A 377 -42.59 -9.76 46.29
CA VAL A 377 -42.11 -10.43 47.50
C VAL A 377 -43.26 -10.72 48.47
N CYS A 378 -43.43 -12.00 48.84
CA CYS A 378 -44.44 -12.48 49.78
C CYS A 378 -43.94 -12.21 51.21
N LYS A 379 -44.82 -11.71 52.10
CA LYS A 379 -44.42 -11.38 53.47
C LYS A 379 -45.20 -12.08 54.58
N LYS A 380 -46.55 -12.23 54.41
CA LYS A 380 -47.47 -12.84 55.39
C LYS A 380 -47.51 -12.06 56.73
N CYS A 381 -47.24 -10.75 56.68
CA CYS A 381 -47.22 -9.84 57.83
C CYS A 381 -48.59 -9.28 58.20
N GLY A 382 -49.57 -9.49 57.31
CA GLY A 382 -50.95 -9.04 57.50
C GLY A 382 -51.65 -9.74 58.64
N ALA A 383 -51.38 -11.05 58.82
CA ALA A 383 -51.95 -11.87 59.89
C ALA A 383 -51.34 -11.51 61.24
N GLY A 384 -52.19 -11.18 62.21
CA GLY A 384 -51.79 -10.80 63.56
C GLY A 384 -51.48 -9.33 63.71
N ASP A 385 -51.78 -8.79 64.90
CA ASP A 385 -51.55 -7.39 65.27
C ASP A 385 -50.06 -6.96 65.33
N PRO A 386 -49.09 -7.75 65.91
CA PRO A 386 -47.69 -7.29 65.94
C PRO A 386 -47.02 -7.13 64.57
N SER A 387 -45.97 -6.28 64.52
CA SER A 387 -45.20 -5.95 63.32
C SER A 387 -44.38 -7.13 62.78
N LYS A 388 -43.75 -7.92 63.68
CA LYS A 388 -42.92 -9.08 63.30
C LYS A 388 -43.75 -10.26 62.80
N CYS A 389 -43.27 -10.96 61.75
CA CYS A 389 -43.95 -12.10 61.13
C CYS A 389 -42.99 -13.14 60.54
N ARG A 390 -43.55 -14.27 60.09
CA ARG A 390 -42.83 -15.38 59.46
C ARG A 390 -42.88 -15.25 57.93
N PRO A 391 -41.79 -15.56 57.19
CA PRO A 391 -41.84 -15.43 55.72
C PRO A 391 -42.61 -16.55 55.03
N CYS A 392 -42.99 -16.33 53.75
CA CYS A 392 -43.73 -17.31 52.95
C CYS A 392 -42.83 -18.47 52.54
N GLY A 393 -42.64 -19.42 53.46
CA GLY A 393 -41.82 -20.61 53.25
C GLY A 393 -42.44 -21.59 52.28
N SER A 394 -43.79 -21.62 52.22
CA SER A 394 -44.57 -22.48 51.34
C SER A 394 -44.45 -22.06 49.85
N GLY A 395 -44.70 -23.01 48.96
CA GLY A 395 -44.62 -22.81 47.52
C GLY A 395 -45.74 -21.98 46.92
N VAL A 396 -45.56 -20.64 46.91
CA VAL A 396 -46.54 -19.70 46.35
C VAL A 396 -46.41 -19.67 44.83
N HIS A 397 -47.49 -20.01 44.09
CA HIS A 397 -47.47 -20.05 42.63
C HIS A 397 -48.10 -18.84 41.96
N TYR A 398 -47.32 -18.15 41.12
CA TYR A 398 -47.80 -17.01 40.33
C TYR A 398 -47.44 -17.15 38.85
N THR A 399 -48.44 -17.56 38.06
CA THR A 399 -48.42 -17.83 36.61
C THR A 399 -47.68 -16.85 35.66
N PRO A 400 -47.73 -15.49 35.77
CA PRO A 400 -47.03 -14.64 34.78
C PRO A 400 -45.52 -14.77 34.77
N GLN A 401 -44.86 -14.46 35.90
CA GLN A 401 -43.42 -14.53 36.13
C GLN A 401 -43.11 -14.60 37.62
N GLN A 402 -42.01 -15.27 37.99
CA GLN A 402 -41.59 -15.44 39.39
C GLN A 402 -40.97 -14.15 39.96
N ASN A 403 -39.93 -13.64 39.29
CA ASN A 403 -39.21 -12.42 39.66
C ASN A 403 -38.68 -11.75 38.40
N GLY A 404 -38.86 -10.42 38.33
CA GLY A 404 -38.39 -9.61 37.20
C GLY A 404 -39.34 -9.57 36.02
N LEU A 405 -40.61 -9.22 36.26
CA LEU A 405 -41.63 -9.12 35.22
C LEU A 405 -41.61 -7.73 34.58
N LYS A 406 -41.70 -7.69 33.24
CA LYS A 406 -41.70 -6.45 32.46
C LYS A 406 -43.10 -5.82 32.39
N THR A 407 -44.15 -6.66 32.45
CA THR A 407 -45.56 -6.23 32.43
C THR A 407 -45.94 -5.64 33.79
N THR A 408 -46.88 -4.67 33.80
CA THR A 408 -47.35 -3.99 35.02
C THR A 408 -48.53 -4.71 35.72
N LYS A 409 -48.89 -5.92 35.25
CA LYS A 409 -49.98 -6.72 35.81
C LYS A 409 -49.52 -8.13 36.18
N VAL A 410 -49.82 -8.58 37.42
CA VAL A 410 -49.46 -9.89 37.93
C VAL A 410 -50.64 -10.58 38.66
N SER A 411 -50.68 -11.92 38.66
CA SER A 411 -51.73 -12.71 39.29
C SER A 411 -51.15 -13.85 40.14
N ILE A 412 -51.40 -13.81 41.45
CA ILE A 412 -50.92 -14.79 42.44
C ILE A 412 -52.03 -15.80 42.77
N THR A 413 -51.71 -17.11 42.67
CA THR A 413 -52.65 -18.21 42.92
C THR A 413 -52.19 -19.14 44.06
N ASP A 414 -53.06 -20.09 44.47
CA ASP A 414 -52.86 -21.09 45.53
C ASP A 414 -52.57 -20.51 46.94
N LEU A 415 -53.20 -19.37 47.26
CA LEU A 415 -53.05 -18.71 48.56
C LEU A 415 -54.09 -19.24 49.55
N LEU A 416 -53.65 -19.56 50.77
CA LEU A 416 -54.48 -20.12 51.86
C LEU A 416 -55.59 -19.16 52.31
N ALA A 417 -56.84 -19.66 52.33
CA ALA A 417 -58.03 -18.91 52.76
C ALA A 417 -58.02 -18.66 54.27
N HIS A 418 -58.78 -17.62 54.72
CA HIS A 418 -58.93 -17.18 56.12
C HIS A 418 -57.64 -16.57 56.73
N THR A 419 -56.55 -16.50 55.95
CA THR A 419 -55.26 -15.95 56.38
C THR A 419 -54.98 -14.63 55.67
N ASN A 420 -54.51 -13.62 56.42
CA ASN A 420 -54.18 -12.28 55.90
C ASN A 420 -52.76 -12.25 55.33
N TYR A 421 -52.61 -11.66 54.13
CA TYR A 421 -51.33 -11.56 53.41
C TYR A 421 -50.96 -10.13 52.99
N THR A 422 -49.67 -9.90 52.65
CA THR A 422 -49.14 -8.63 52.18
C THR A 422 -48.00 -8.84 51.17
N PHE A 423 -48.06 -8.15 50.02
CA PHE A 423 -47.06 -8.28 48.95
C PHE A 423 -46.30 -6.98 48.70
N GLU A 424 -44.96 -7.08 48.58
CA GLU A 424 -44.07 -5.94 48.32
C GLU A 424 -43.59 -5.95 46.87
N ILE A 425 -44.21 -5.13 46.00
CA ILE A 425 -43.83 -5.01 44.60
C ILE A 425 -42.65 -4.04 44.49
N TRP A 426 -41.44 -4.63 44.41
CA TRP A 426 -40.16 -3.95 44.36
C TRP A 426 -39.64 -3.80 42.93
N ALA A 427 -39.52 -2.54 42.46
CA ALA A 427 -39.06 -2.20 41.11
C ALA A 427 -37.55 -2.42 40.97
N VAL A 428 -37.14 -3.18 39.93
CA VAL A 428 -35.75 -3.54 39.65
C VAL A 428 -35.32 -3.01 38.28
N ASN A 429 -34.18 -2.29 38.25
CA ASN A 429 -33.57 -1.74 37.03
C ASN A 429 -32.32 -2.56 36.68
N GLY A 430 -31.71 -2.25 35.54
CA GLY A 430 -30.49 -2.90 35.09
C GLY A 430 -29.29 -2.55 35.95
N VAL A 431 -29.32 -1.34 36.55
CA VAL A 431 -28.28 -0.80 37.42
C VAL A 431 -28.49 -1.13 38.90
N SER A 432 -29.76 -1.28 39.34
CA SER A 432 -30.19 -1.57 40.72
C SER A 432 -29.44 -2.68 41.46
N LYS A 433 -28.83 -3.64 40.72
CA LYS A 433 -28.03 -4.73 41.29
C LYS A 433 -26.69 -4.16 41.79
N TYR A 434 -26.00 -3.36 40.95
CA TYR A 434 -24.73 -2.69 41.24
C TYR A 434 -24.98 -1.56 42.25
N ASN A 435 -26.12 -0.86 42.10
CA ASN A 435 -26.58 0.24 42.95
C ASN A 435 -27.03 -0.30 44.33
N PRO A 436 -27.05 0.51 45.42
CA PRO A 436 -27.55 -0.02 46.69
C PRO A 436 -29.07 -0.23 46.64
N ASN A 437 -29.60 -1.17 47.46
CA ASN A 437 -31.04 -1.49 47.52
C ASN A 437 -31.91 -0.26 47.69
N PRO A 438 -32.88 0.00 46.77
CA PRO A 438 -33.73 1.20 46.89
C PRO A 438 -34.46 1.30 48.24
N ASP A 439 -34.36 2.48 48.86
CA ASP A 439 -34.93 2.85 50.16
C ASP A 439 -36.37 2.39 50.39
N GLN A 440 -37.29 2.69 49.44
CA GLN A 440 -38.68 2.33 49.58
C GLN A 440 -39.31 1.65 48.36
N SER A 441 -40.26 0.73 48.65
CA SER A 441 -41.03 -0.04 47.68
C SER A 441 -42.51 -0.01 48.11
N VAL A 442 -43.40 0.34 47.17
CA VAL A 442 -44.85 0.44 47.44
C VAL A 442 -45.47 -0.95 47.61
N SER A 443 -46.09 -1.18 48.77
CA SER A 443 -46.74 -2.44 49.16
C SER A 443 -48.19 -2.25 49.59
N VAL A 444 -49.01 -3.31 49.49
CA VAL A 444 -50.42 -3.31 49.87
C VAL A 444 -50.82 -4.61 50.61
N THR A 445 -51.56 -4.47 51.72
CA THR A 445 -52.02 -5.60 52.55
C THR A 445 -53.42 -6.05 52.10
N VAL A 446 -53.58 -7.37 51.86
CA VAL A 446 -54.85 -7.96 51.39
C VAL A 446 -55.37 -9.12 52.26
N THR A 447 -56.65 -9.47 52.07
CA THR A 447 -57.33 -10.57 52.78
C THR A 447 -57.77 -11.66 51.77
N THR A 448 -57.75 -12.93 52.19
CA THR A 448 -58.09 -14.07 51.33
C THR A 448 -59.56 -14.47 51.26
N ASN A 449 -60.14 -14.93 52.39
CA ASN A 449 -61.53 -15.39 52.46
C ASN A 449 -62.60 -14.30 52.33
N GLN A 450 -62.32 -13.09 52.85
CA GLN A 450 -63.25 -11.95 52.82
C GLN A 450 -63.60 -11.49 51.41
N ALA A 451 -64.90 -11.25 51.18
CA ALA A 451 -65.48 -10.84 49.90
C ALA A 451 -65.16 -9.40 49.45
N ALA A 452 -66.37 -9.52 48.36
CA ALA A 452 -66.17 -8.25 47.66
C ALA A 452 -67.12 -7.15 48.22
N PRO A 453 -66.81 -5.84 48.07
CA PRO A 453 -67.72 -4.80 48.61
C PRO A 453 -69.04 -4.68 47.85
N SER A 454 -70.11 -4.27 48.56
CA SER A 454 -71.44 -4.08 47.98
C SER A 454 -71.57 -2.72 47.25
N SER A 455 -72.78 -2.42 46.73
CA SER A 455 -73.05 -1.18 46.00
C SER A 455 -73.63 -0.09 46.90
N ILE A 456 -73.46 1.19 46.48
CA ILE A 456 -73.95 2.38 47.17
C ILE A 456 -75.48 2.43 47.00
N ALA A 457 -76.22 2.55 48.12
CA ALA A 457 -77.69 2.60 48.16
C ALA A 457 -78.29 3.74 47.33
N LEU A 458 -77.79 4.99 47.51
CA LEU A 458 -78.28 6.17 46.79
C LEU A 458 -77.24 7.29 46.68
N VAL A 459 -77.23 7.96 45.52
CA VAL A 459 -76.35 9.10 45.22
C VAL A 459 -77.17 10.38 45.10
N GLN A 460 -76.58 11.55 45.41
CA GLN A 460 -77.29 12.81 45.34
C GLN A 460 -76.47 13.99 44.82
N ALA A 461 -77.13 14.86 44.03
CA ALA A 461 -76.52 16.07 43.46
C ALA A 461 -76.78 17.24 44.40
N LYS A 462 -75.71 17.94 44.81
CA LYS A 462 -75.78 19.07 45.74
C LYS A 462 -75.99 20.41 45.03
N GLU A 463 -75.08 20.78 44.11
CA GLU A 463 -75.14 22.03 43.36
C GLU A 463 -75.35 21.77 41.87
N VAL A 464 -76.26 22.54 41.23
CA VAL A 464 -76.57 22.40 39.80
C VAL A 464 -76.40 23.75 39.09
N THR A 465 -75.34 23.86 38.28
CA THR A 465 -75.00 25.06 37.49
C THR A 465 -74.66 24.67 36.04
N ARG A 466 -74.57 25.65 35.13
CA ARG A 466 -74.26 25.44 33.72
C ARG A 466 -72.83 24.96 33.42
N TYR A 467 -71.92 25.11 34.40
CA TYR A 467 -70.50 24.72 34.28
C TYR A 467 -70.10 23.54 35.16
N SER A 468 -70.66 23.45 36.38
CA SER A 468 -70.35 22.38 37.34
C SER A 468 -71.56 21.80 38.06
N VAL A 469 -71.48 20.50 38.40
CA VAL A 469 -72.49 19.73 39.13
C VAL A 469 -71.78 18.92 40.23
N ALA A 470 -72.08 19.25 41.50
CA ALA A 470 -71.51 18.60 42.67
C ALA A 470 -72.19 17.26 42.96
N LEU A 471 -71.43 16.28 43.49
CA LEU A 471 -71.95 14.95 43.80
C LEU A 471 -71.61 14.51 45.23
N ALA A 472 -72.62 13.92 45.90
CA ALA A 472 -72.50 13.42 47.28
C ALA A 472 -73.05 11.99 47.35
N TRP A 473 -72.36 11.11 48.09
CA TRP A 473 -72.73 9.70 48.25
C TRP A 473 -72.23 9.11 49.57
N LEU A 474 -72.93 8.09 50.08
CA LEU A 474 -72.58 7.38 51.32
C LEU A 474 -71.83 6.09 50.97
N GLU A 475 -71.12 5.50 51.97
CA GLU A 475 -70.40 4.24 51.79
C GLU A 475 -71.40 3.07 51.65
N PRO A 476 -71.08 1.97 50.92
CA PRO A 476 -72.05 0.87 50.77
C PRO A 476 -72.47 0.19 52.07
N ASP A 477 -73.67 -0.43 52.06
CA ASP A 477 -74.28 -1.14 53.19
C ASP A 477 -73.38 -2.23 53.79
N ARG A 478 -72.69 -3.00 52.94
CA ARG A 478 -71.77 -4.06 53.34
C ARG A 478 -70.36 -3.74 52.80
N PRO A 479 -69.38 -3.39 53.66
CA PRO A 479 -68.05 -3.06 53.15
C PRO A 479 -67.17 -4.25 52.77
N ASN A 480 -67.18 -5.34 53.60
CA ASN A 480 -66.40 -6.57 53.42
C ASN A 480 -64.87 -6.33 53.33
N GLY A 481 -64.43 -5.16 53.80
CA GLY A 481 -63.06 -4.71 53.80
C GLY A 481 -62.94 -3.20 53.94
N VAL A 482 -61.70 -2.69 54.08
CA VAL A 482 -61.43 -1.26 54.24
C VAL A 482 -61.55 -0.58 52.86
N ILE A 483 -62.39 0.47 52.78
CA ILE A 483 -62.63 1.23 51.54
C ILE A 483 -61.41 2.10 51.23
N LEU A 484 -60.89 1.98 50.00
CA LEU A 484 -59.70 2.71 49.55
C LEU A 484 -59.96 3.74 48.45
N GLU A 485 -60.93 3.46 47.55
CA GLU A 485 -61.21 4.34 46.40
C GLU A 485 -62.68 4.28 45.95
N TYR A 486 -63.15 5.34 45.28
CA TYR A 486 -64.48 5.46 44.70
C TYR A 486 -64.32 5.93 43.25
N GLU A 487 -64.80 5.12 42.28
CA GLU A 487 -64.71 5.44 40.85
C GLU A 487 -66.06 5.94 40.34
N VAL A 488 -66.07 7.10 39.65
CA VAL A 488 -67.28 7.69 39.10
C VAL A 488 -67.25 7.69 37.56
N LYS A 489 -68.34 7.23 36.92
CA LYS A 489 -68.49 7.16 35.46
C LYS A 489 -69.52 8.16 34.95
N TYR A 490 -69.22 8.82 33.81
CA TYR A 490 -70.11 9.79 33.16
C TYR A 490 -70.38 9.41 31.71
N TYR A 491 -71.66 9.44 31.29
CA TYR A 491 -72.07 9.16 29.91
C TYR A 491 -73.24 10.01 29.46
N GLU A 492 -73.08 10.68 28.29
CA GLU A 492 -74.07 11.57 27.69
C GLU A 492 -75.26 10.82 27.12
N LYS A 493 -76.47 11.38 27.30
CA LYS A 493 -77.72 10.84 26.79
C LYS A 493 -78.14 11.60 25.51
N ASP A 494 -79.11 11.06 24.75
CA ASP A 494 -79.67 11.61 23.49
C ASP A 494 -78.70 11.59 22.29
N GLN A 495 -77.45 11.14 22.53
CA GLN A 495 -76.39 11.04 21.52
C GLN A 495 -75.71 9.67 21.57
N ASN A 496 -74.83 9.38 20.60
CA ASN A 496 -74.06 8.12 20.50
C ASN A 496 -73.11 7.98 21.70
N GLU A 497 -72.98 6.76 22.24
CA GLU A 497 -72.16 6.44 23.41
C GLU A 497 -70.70 6.87 23.34
N ARG A 498 -70.37 7.94 24.09
CA ARG A 498 -69.05 8.53 24.21
C ARG A 498 -68.26 7.73 25.26
N SER A 499 -66.91 7.77 25.18
CA SER A 499 -66.01 7.09 26.10
C SER A 499 -66.23 7.57 27.54
N TYR A 500 -66.45 6.62 28.46
CA TYR A 500 -66.72 6.88 29.88
C TYR A 500 -65.64 7.70 30.59
N ARG A 501 -66.06 8.79 31.25
CA ARG A 501 -65.17 9.69 31.99
C ARG A 501 -64.83 9.05 33.33
N ILE A 502 -63.52 8.91 33.63
CA ILE A 502 -63.05 8.29 34.87
C ILE A 502 -62.47 9.34 35.82
N VAL A 503 -63.04 9.42 37.03
CA VAL A 503 -62.61 10.32 38.11
C VAL A 503 -62.51 9.56 39.44
N ARG A 504 -61.27 9.37 39.92
CA ARG A 504 -60.98 8.63 41.15
C ARG A 504 -60.81 9.58 42.33
N THR A 505 -61.67 9.41 43.35
CA THR A 505 -61.69 10.22 44.57
C THR A 505 -61.92 9.32 45.78
N ALA A 506 -61.02 9.38 46.78
CA ALA A 506 -61.14 8.60 48.02
C ALA A 506 -62.19 9.23 48.95
N ALA A 507 -62.38 10.56 48.83
CA ALA A 507 -63.36 11.33 49.61
C ALA A 507 -64.77 11.02 49.07
N ARG A 508 -65.80 11.18 49.93
CA ARG A 508 -67.20 10.92 49.59
C ARG A 508 -67.88 12.05 48.78
N ASN A 509 -67.10 13.04 48.31
CA ASN A 509 -67.60 14.17 47.52
C ASN A 509 -66.67 14.55 46.36
N THR A 510 -67.26 14.83 45.18
CA THR A 510 -66.55 15.24 43.97
C THR A 510 -67.37 16.22 43.12
N ASP A 511 -66.69 17.07 42.33
CA ASP A 511 -67.32 18.07 41.46
C ASP A 511 -66.91 17.87 40.00
N ILE A 512 -67.89 17.94 39.08
CA ILE A 512 -67.64 17.80 37.63
C ILE A 512 -67.08 19.12 37.08
N LYS A 513 -66.27 19.05 36.00
CA LYS A 513 -65.67 20.24 35.38
C LYS A 513 -65.69 20.20 33.85
N GLY A 514 -65.89 21.38 33.26
CA GLY A 514 -65.92 21.59 31.82
C GLY A 514 -67.01 20.86 31.07
N LEU A 515 -68.27 21.25 31.31
CA LEU A 515 -69.43 20.64 30.66
C LEU A 515 -70.31 21.68 29.97
N ASN A 516 -70.78 21.36 28.75
CA ASN A 516 -71.64 22.21 27.92
C ASN A 516 -73.04 22.33 28.53
N PRO A 517 -73.73 23.50 28.41
CA PRO A 517 -75.08 23.63 28.99
C PRO A 517 -76.14 22.80 28.26
N LEU A 518 -77.29 22.55 28.94
CA LEU A 518 -78.45 21.79 28.46
C LEU A 518 -78.17 20.30 28.15
N THR A 519 -77.05 19.75 28.65
CA THR A 519 -76.67 18.36 28.43
C THR A 519 -76.97 17.49 29.64
N SER A 520 -77.96 16.59 29.51
CA SER A 520 -78.38 15.66 30.56
C SER A 520 -77.31 14.58 30.76
N TYR A 521 -76.94 14.31 32.02
CA TYR A 521 -75.92 13.32 32.33
C TYR A 521 -76.29 12.30 33.40
N VAL A 522 -75.88 11.04 33.17
CA VAL A 522 -76.11 9.92 34.07
C VAL A 522 -74.80 9.67 34.84
N PHE A 523 -74.86 9.71 36.17
CA PHE A 523 -73.70 9.53 37.04
C PHE A 523 -73.76 8.19 37.77
N HIS A 524 -72.67 7.41 37.69
CA HIS A 524 -72.56 6.10 38.33
C HIS A 524 -71.30 6.00 39.18
N VAL A 525 -71.48 5.75 40.49
CA VAL A 525 -70.39 5.61 41.47
C VAL A 525 -70.12 4.12 41.72
N ARG A 526 -68.86 3.77 42.03
CA ARG A 526 -68.45 2.39 42.30
C ARG A 526 -67.38 2.37 43.40
N ALA A 527 -67.66 1.65 44.51
CA ALA A 527 -66.75 1.51 45.64
C ALA A 527 -65.68 0.47 45.33
N ARG A 528 -64.40 0.84 45.50
CA ARG A 528 -63.26 -0.03 45.21
C ARG A 528 -62.40 -0.28 46.44
N THR A 529 -62.13 -1.56 46.74
CA THR A 529 -61.30 -2.01 47.86
C THR A 529 -60.19 -2.94 47.35
N ALA A 530 -59.23 -3.30 48.21
CA ALA A 530 -58.15 -4.24 47.88
C ALA A 530 -58.72 -5.66 47.83
N ALA A 531 -59.84 -5.89 48.55
CA ALA A 531 -60.55 -7.15 48.63
C ALA A 531 -61.35 -7.48 47.36
N GLY A 532 -61.79 -6.48 46.61
CA GLY A 532 -62.57 -6.73 45.40
C GLY A 532 -63.08 -5.56 44.59
N TYR A 533 -63.96 -5.88 43.64
CA TYR A 533 -64.62 -5.01 42.66
C TYR A 533 -66.07 -4.75 43.09
N GLY A 534 -66.47 -3.49 43.11
CA GLY A 534 -67.82 -3.07 43.51
C GLY A 534 -68.83 -3.05 42.36
N ASP A 535 -70.10 -2.75 42.69
CA ASP A 535 -71.19 -2.68 41.71
C ASP A 535 -71.62 -1.24 41.44
N PHE A 536 -72.33 -1.01 40.30
CA PHE A 536 -72.83 0.30 39.87
C PHE A 536 -73.87 0.88 40.82
N SER A 537 -73.84 2.20 41.04
CA SER A 537 -74.75 2.92 41.93
C SER A 537 -76.08 3.28 41.25
N GLU A 538 -76.89 4.11 41.93
CA GLU A 538 -78.20 4.60 41.49
C GLU A 538 -78.03 5.49 40.23
N PRO A 539 -78.71 5.18 39.11
CA PRO A 539 -78.56 6.03 37.91
C PRO A 539 -79.28 7.37 38.08
N LEU A 540 -78.49 8.44 38.34
CA LEU A 540 -79.00 9.79 38.56
C LEU A 540 -78.94 10.61 37.27
N GLU A 541 -80.13 10.87 36.69
CA GLU A 541 -80.28 11.64 35.44
C GLU A 541 -80.52 13.12 35.77
N VAL A 542 -79.44 13.93 35.70
CA VAL A 542 -79.48 15.37 36.01
C VAL A 542 -79.17 16.20 34.75
N THR A 543 -80.12 17.09 34.39
CA THR A 543 -80.01 18.01 33.26
C THR A 543 -79.26 19.27 33.71
N THR A 544 -78.33 19.76 32.88
CA THR A 544 -77.52 20.96 33.15
C THR A 544 -78.40 22.21 33.17
N THR B 40 12.10 -1.34 -24.81
CA THR B 40 10.92 -1.56 -25.68
C THR B 40 9.63 -1.11 -24.99
N ASN B 41 9.76 -0.14 -24.09
CA ASN B 41 8.63 0.48 -23.41
C ASN B 41 8.74 1.98 -23.54
N GLU B 42 8.83 2.45 -24.78
CA GLU B 42 9.10 3.86 -25.06
C GLU B 42 8.73 4.24 -26.49
N VAL B 43 8.01 5.36 -26.63
CA VAL B 43 7.45 5.77 -27.92
C VAL B 43 8.37 6.80 -28.58
N THR B 44 8.73 6.52 -29.83
CA THR B 44 9.65 7.35 -30.59
C THR B 44 8.96 8.61 -31.10
N LEU B 45 9.50 9.77 -30.74
CA LEU B 45 9.04 11.07 -31.28
C LEU B 45 9.89 11.47 -32.50
N LEU B 46 11.13 10.99 -32.55
CA LEU B 46 11.96 11.13 -33.74
C LEU B 46 13.06 10.08 -33.71
N ASP B 47 13.31 9.47 -34.88
CA ASP B 47 14.48 8.64 -35.07
C ASP B 47 15.06 8.97 -36.44
N SER B 48 16.26 9.55 -36.44
CA SER B 48 16.93 9.91 -37.70
C SER B 48 17.24 8.69 -38.58
N ARG B 49 17.30 7.51 -37.97
CA ARG B 49 17.54 6.27 -38.70
C ARG B 49 16.33 5.87 -39.57
N SER B 50 15.13 6.32 -39.22
CA SER B 50 13.92 5.95 -39.96
C SER B 50 13.81 6.69 -41.30
N VAL B 51 14.48 7.84 -41.41
CA VAL B 51 14.46 8.66 -42.62
C VAL B 51 15.33 8.05 -43.74
N GLN B 52 14.71 7.71 -44.87
CA GLN B 52 15.38 7.04 -45.98
C GLN B 52 15.84 7.99 -47.09
N GLY B 53 15.09 9.08 -47.28
CA GLY B 53 15.47 10.11 -48.25
C GLY B 53 16.56 10.98 -47.66
N GLU B 54 16.18 12.08 -47.02
CA GLU B 54 17.15 12.88 -46.28
C GLU B 54 16.50 13.65 -45.13
N LEU B 55 17.30 13.87 -44.08
CA LEU B 55 16.85 14.61 -42.91
C LEU B 55 16.62 16.06 -43.31
N GLY B 56 17.56 16.62 -44.07
CA GLY B 56 17.46 18.00 -44.54
C GLY B 56 17.24 18.97 -43.41
N TRP B 57 18.03 18.84 -42.35
CA TRP B 57 17.95 19.74 -41.19
C TRP B 57 18.67 21.03 -41.55
N ILE B 58 18.28 22.13 -40.92
CA ILE B 58 18.90 23.42 -41.21
C ILE B 58 20.21 23.55 -40.42
N ALA B 59 21.21 24.19 -41.02
CA ALA B 59 22.55 24.29 -40.43
C ALA B 59 23.14 25.67 -40.65
N SER B 60 23.84 26.19 -39.65
CA SER B 60 24.51 27.49 -39.71
C SER B 60 25.99 27.34 -39.34
N PRO B 61 26.90 27.51 -40.33
CA PRO B 61 26.70 27.79 -41.75
C PRO B 61 26.12 26.60 -42.51
N LEU B 62 25.49 26.88 -43.66
CA LEU B 62 24.85 25.82 -44.45
C LEU B 62 25.86 24.97 -45.20
N GLU B 63 27.04 25.53 -45.47
CA GLU B 63 28.14 24.77 -46.06
C GLU B 63 29.45 25.05 -45.32
N GLY B 64 30.26 24.01 -45.15
CA GLY B 64 31.56 24.10 -44.47
C GLY B 64 31.48 23.78 -42.99
N GLY B 65 30.26 23.54 -42.50
CA GLY B 65 30.03 23.16 -41.11
C GLY B 65 29.46 21.77 -41.06
N TRP B 66 28.37 21.58 -40.32
CA TRP B 66 27.70 20.30 -40.29
C TRP B 66 27.26 19.94 -41.70
N GLU B 67 27.37 18.66 -42.05
CA GLU B 67 27.03 18.20 -43.40
C GLU B 67 26.44 16.81 -43.32
N GLU B 68 25.56 16.50 -44.27
CA GLU B 68 24.81 15.26 -44.25
C GLU B 68 25.47 14.23 -45.15
N VAL B 69 25.64 13.02 -44.62
CA VAL B 69 26.21 11.92 -45.37
C VAL B 69 25.54 10.62 -44.94
N SER B 70 25.52 9.63 -45.82
CA SER B 70 25.02 8.32 -45.46
C SER B 70 26.13 7.41 -44.92
N ILE B 71 25.74 6.44 -44.10
CA ILE B 71 26.64 5.35 -43.68
C ILE B 71 25.90 4.03 -43.71
N MET B 72 26.66 2.94 -43.61
CA MET B 72 26.09 1.62 -43.38
C MET B 72 26.28 1.31 -41.91
N ASP B 73 25.16 1.20 -41.19
CA ASP B 73 25.15 1.15 -39.73
C ASP B 73 25.40 -0.26 -39.16
N GLU B 74 25.27 -0.37 -37.83
CA GLU B 74 25.43 -1.63 -37.08
C GLU B 74 24.52 -2.75 -37.57
N LYS B 75 23.33 -2.38 -38.01
CA LYS B 75 22.33 -3.33 -38.49
C LYS B 75 22.49 -3.57 -39.99
N ASN B 76 23.64 -3.19 -40.55
CA ASN B 76 23.91 -3.27 -42.00
C ASN B 76 22.81 -2.61 -42.83
N THR B 77 22.43 -1.41 -42.41
CA THR B 77 21.36 -0.62 -43.00
C THR B 77 21.87 0.79 -43.27
N PRO B 78 21.60 1.33 -44.48
CA PRO B 78 22.01 2.69 -44.79
C PRO B 78 21.18 3.70 -44.01
N ILE B 79 21.86 4.61 -43.30
CA ILE B 79 21.16 5.64 -42.53
C ILE B 79 21.71 7.03 -42.84
N ARG B 80 21.02 8.04 -42.33
CA ARG B 80 21.34 9.43 -42.56
C ARG B 80 21.98 10.04 -41.32
N THR B 81 23.17 10.60 -41.51
CA THR B 81 23.98 11.11 -40.40
C THR B 81 24.46 12.54 -40.66
N TYR B 82 24.94 13.18 -39.59
CA TYR B 82 25.49 14.53 -39.67
C TYR B 82 26.87 14.59 -39.03
N GLN B 83 27.79 15.31 -39.67
CA GLN B 83 29.17 15.35 -39.21
C GLN B 83 29.82 16.70 -39.49
N VAL B 84 30.88 16.98 -38.73
CA VAL B 84 31.68 18.18 -38.91
C VAL B 84 33.09 17.91 -38.36
N CYS B 85 34.10 18.42 -39.05
CA CYS B 85 35.49 18.16 -38.69
C CYS B 85 36.38 19.34 -39.11
N ASN B 86 36.08 20.50 -38.54
CA ASN B 86 36.84 21.71 -38.79
C ASN B 86 37.81 21.98 -37.65
N VAL B 87 38.63 20.97 -37.34
CA VAL B 87 39.49 21.00 -36.16
C VAL B 87 40.65 22.00 -36.27
N MET B 88 41.14 22.25 -37.49
CA MET B 88 42.22 23.21 -37.72
C MET B 88 41.77 24.68 -37.82
N GLU B 89 40.45 24.90 -37.84
CA GLU B 89 39.91 26.23 -38.01
C GLU B 89 39.50 26.81 -36.65
N PRO B 90 39.93 28.05 -36.34
CA PRO B 90 39.61 28.60 -35.03
C PRO B 90 38.18 29.15 -34.95
N SER B 91 37.73 29.38 -33.72
CA SER B 91 36.48 30.07 -33.44
C SER B 91 35.29 29.42 -34.15
N GLN B 92 35.18 28.11 -33.96
CA GLN B 92 34.09 27.34 -34.56
C GLN B 92 32.83 27.47 -33.75
N ASN B 93 31.73 27.67 -34.48
CA ASN B 93 30.42 27.83 -33.91
C ASN B 93 29.43 27.30 -34.93
N ASN B 94 29.44 25.99 -35.10
CA ASN B 94 28.65 25.32 -36.11
C ASN B 94 27.36 24.79 -35.52
N TRP B 95 26.24 25.31 -35.99
CA TRP B 95 24.92 24.93 -35.46
C TRP B 95 24.18 24.02 -36.41
N LEU B 96 23.58 22.98 -35.84
CA LEU B 96 22.72 22.05 -36.56
C LEU B 96 21.39 22.03 -35.84
N ARG B 97 20.29 22.00 -36.58
CA ARG B 97 18.98 22.10 -35.98
C ARG B 97 17.97 21.18 -36.65
N THR B 98 17.31 20.33 -35.85
CA THR B 98 16.34 19.38 -36.36
C THR B 98 15.10 20.08 -36.88
N ASP B 99 14.27 19.31 -37.58
CA ASP B 99 12.91 19.74 -37.86
C ASP B 99 12.12 19.79 -36.54
N TRP B 100 10.96 20.41 -36.58
CA TRP B 100 10.08 20.49 -35.41
C TRP B 100 9.62 19.09 -34.98
N ILE B 101 9.74 18.80 -33.69
CA ILE B 101 9.32 17.51 -33.15
C ILE B 101 8.10 17.70 -32.25
N THR B 102 7.01 17.00 -32.55
CA THR B 102 5.82 17.04 -31.69
C THR B 102 6.07 16.23 -30.42
N ARG B 103 5.58 16.76 -29.30
CA ARG B 103 5.67 16.08 -28.01
C ARG B 103 4.75 14.87 -27.91
N GLU B 104 3.62 14.95 -28.62
CA GLU B 104 2.49 14.06 -28.37
C GLU B 104 2.07 14.19 -26.91
N GLY B 105 2.03 15.43 -26.41
CA GLY B 105 1.55 15.73 -25.08
C GLY B 105 2.34 15.19 -23.90
N ALA B 106 3.52 14.64 -24.17
CA ALA B 106 4.39 14.11 -23.11
C ALA B 106 5.27 15.24 -22.60
N GLN B 107 5.14 15.58 -21.32
CA GLN B 107 5.87 16.72 -20.77
C GLN B 107 7.35 16.43 -20.51
N ARG B 108 7.72 15.17 -20.30
CA ARG B 108 9.13 14.77 -20.17
C ARG B 108 9.57 13.90 -21.34
N VAL B 109 10.58 14.37 -22.07
CA VAL B 109 11.08 13.70 -23.27
C VAL B 109 12.58 13.41 -23.17
N TYR B 110 12.97 12.23 -23.65
CA TYR B 110 14.35 11.73 -23.59
C TYR B 110 15.02 11.84 -24.96
N ILE B 111 16.30 12.21 -24.95
CA ILE B 111 17.04 12.43 -26.19
C ILE B 111 18.30 11.57 -26.23
N GLU B 112 18.29 10.54 -27.09
CA GLU B 112 19.42 9.62 -27.25
C GLU B 112 20.26 10.01 -28.47
N ILE B 113 21.52 10.35 -28.22
CA ILE B 113 22.47 10.70 -29.26
C ILE B 113 23.59 9.67 -29.31
N LYS B 114 23.71 8.97 -30.44
CA LYS B 114 24.82 8.09 -30.69
C LYS B 114 25.79 8.78 -31.63
N PHE B 115 27.04 8.91 -31.21
CA PHE B 115 28.01 9.68 -31.96
C PHE B 115 29.41 9.10 -31.85
N THR B 116 30.27 9.48 -32.78
CA THR B 116 31.68 9.08 -32.75
C THR B 116 32.56 10.32 -32.88
N LEU B 117 33.76 10.22 -32.33
CA LEU B 117 34.75 11.28 -32.35
C LEU B 117 36.03 10.75 -32.97
N ARG B 118 36.41 11.29 -34.14
CA ARG B 118 37.68 10.94 -34.76
C ARG B 118 38.78 11.65 -33.98
N ASP B 119 39.78 10.89 -33.56
CA ASP B 119 40.92 11.41 -32.84
C ASP B 119 41.62 12.47 -33.70
N CYS B 120 41.68 13.70 -33.22
CA CYS B 120 42.14 14.81 -34.05
C CYS B 120 43.62 14.66 -34.42
N ASN B 121 44.40 14.08 -33.51
CA ASN B 121 45.81 13.77 -33.77
C ASN B 121 46.04 12.62 -34.76
N SER B 122 44.98 11.99 -35.24
CA SER B 122 45.05 11.06 -36.36
C SER B 122 44.90 11.77 -37.70
N LEU B 123 44.56 13.06 -37.67
CA LEU B 123 44.39 13.87 -38.87
C LEU B 123 45.71 14.58 -39.23
N PRO B 124 45.96 14.79 -40.53
CA PRO B 124 47.21 15.40 -40.96
C PRO B 124 47.39 16.81 -40.41
N GLY B 125 48.60 17.10 -39.90
CA GLY B 125 48.93 18.43 -39.41
C GLY B 125 48.46 18.76 -38.00
N VAL B 126 47.35 18.18 -37.56
CA VAL B 126 46.72 18.56 -36.28
C VAL B 126 47.50 18.00 -35.09
N MET B 127 48.19 18.90 -34.37
CA MET B 127 49.17 18.50 -33.35
C MET B 127 48.59 18.55 -31.93
N GLY B 128 47.60 19.42 -31.71
CA GLY B 128 47.26 19.87 -30.36
C GLY B 128 46.28 19.02 -29.58
N THR B 129 45.68 19.63 -28.56
CA THR B 129 44.63 19.01 -27.77
C THR B 129 43.32 19.04 -28.57
N CYS B 130 42.59 17.92 -28.54
CA CYS B 130 41.36 17.77 -29.33
C CYS B 130 40.15 18.29 -28.57
N LYS B 131 39.22 18.91 -29.28
CA LYS B 131 37.90 19.21 -28.75
C LYS B 131 37.16 17.88 -28.68
N GLU B 132 36.65 17.52 -27.50
CA GLU B 132 36.03 16.22 -27.26
C GLU B 132 34.57 16.33 -26.81
N THR B 133 33.98 17.52 -26.97
CA THR B 133 32.61 17.78 -26.58
C THR B 133 31.83 18.53 -27.67
N PHE B 134 30.51 18.46 -27.57
CA PHE B 134 29.63 19.40 -28.26
C PHE B 134 28.52 19.78 -27.29
N ASN B 135 27.71 20.77 -27.64
CA ASN B 135 26.63 21.25 -26.76
C ASN B 135 25.27 20.95 -27.36
N LEU B 136 24.34 20.55 -26.49
CA LEU B 136 22.99 20.18 -26.89
C LEU B 136 22.03 21.25 -26.36
N TYR B 137 21.17 21.76 -27.24
CA TYR B 137 20.19 22.77 -26.87
C TYR B 137 18.77 22.35 -27.26
N TYR B 138 17.80 23.10 -26.77
CA TYR B 138 16.44 22.98 -27.26
C TYR B 138 15.68 24.29 -27.25
N TYR B 139 14.55 24.29 -27.95
CA TYR B 139 13.70 25.46 -28.05
C TYR B 139 12.27 24.98 -28.23
N GLU B 140 11.42 25.31 -27.27
CA GLU B 140 9.99 24.98 -27.38
C GLU B 140 9.32 25.98 -28.31
N SER B 141 8.43 25.46 -29.16
CA SER B 141 7.68 26.31 -30.08
C SER B 141 6.39 25.63 -30.54
N ASP B 142 5.33 26.42 -30.65
CA ASP B 142 4.12 25.98 -31.32
C ASP B 142 4.35 26.00 -32.84
N ASN B 143 5.19 26.93 -33.31
CA ASN B 143 5.52 27.05 -34.73
C ASN B 143 6.36 25.88 -35.22
N ASP B 144 5.82 25.16 -36.21
CA ASP B 144 6.48 23.97 -36.75
C ASP B 144 7.38 24.26 -37.96
N LYS B 145 7.49 25.54 -38.33
CA LYS B 145 8.32 25.96 -39.46
C LYS B 145 9.12 27.22 -39.10
N GLU B 146 9.97 27.11 -38.08
CA GLU B 146 10.92 28.18 -37.77
C GLU B 146 11.94 28.27 -38.91
N ARG B 147 12.15 29.48 -39.42
CA ARG B 147 12.95 29.68 -40.62
C ARG B 147 14.45 29.59 -40.36
N PHE B 148 14.91 30.27 -39.30
CA PHE B 148 16.34 30.44 -39.04
C PHE B 148 16.72 29.97 -37.65
N ILE B 149 18.01 29.67 -37.48
CA ILE B 149 18.57 29.38 -36.16
C ILE B 149 18.85 30.72 -35.46
N ARG B 150 18.07 31.01 -34.42
CA ARG B 150 18.29 32.20 -33.61
C ARG B 150 19.05 31.79 -32.34
N GLU B 151 20.36 31.91 -32.38
CA GLU B 151 21.27 31.32 -31.37
C GLU B 151 20.86 31.61 -29.92
N ASN B 152 20.60 32.86 -29.61
CA ASN B 152 20.28 33.25 -28.22
C ASN B 152 18.94 32.71 -27.71
N GLN B 153 18.06 32.27 -28.62
CA GLN B 153 16.75 31.71 -28.25
C GLN B 153 16.82 30.24 -27.81
N PHE B 154 17.94 29.57 -28.07
CA PHE B 154 18.10 28.17 -27.68
C PHE B 154 18.59 28.04 -26.23
N VAL B 155 18.06 27.04 -25.54
CA VAL B 155 18.40 26.77 -24.13
C VAL B 155 19.30 25.53 -24.05
N LYS B 156 20.42 25.67 -23.34
CA LYS B 156 21.41 24.59 -23.25
C LYS B 156 20.94 23.47 -22.34
N ILE B 157 20.82 22.27 -22.88
CA ILE B 157 20.49 21.08 -22.10
C ILE B 157 21.74 20.64 -21.37
N ASP B 158 22.81 20.42 -22.12
CA ASP B 158 24.09 19.97 -21.55
C ASP B 158 25.23 20.00 -22.56
N THR B 159 26.46 20.04 -22.03
CA THR B 159 27.65 19.75 -22.82
C THR B 159 27.85 18.23 -22.83
N ILE B 160 27.84 17.62 -24.01
CA ILE B 160 27.96 16.17 -24.12
C ILE B 160 29.40 15.78 -24.45
N ALA B 161 29.95 14.83 -23.70
CA ALA B 161 31.35 14.44 -23.83
C ALA B 161 31.49 13.08 -24.50
N ALA B 162 32.48 12.94 -25.37
CA ALA B 162 32.82 11.65 -25.97
C ALA B 162 33.60 10.81 -24.97
N ASP B 163 33.02 9.69 -24.54
CA ASP B 163 33.70 8.75 -23.65
C ASP B 163 34.95 8.20 -24.35
N GLU B 164 34.86 8.08 -25.68
CA GLU B 164 35.83 7.35 -26.47
C GLU B 164 35.98 7.96 -27.86
N SER B 165 37.20 7.91 -28.41
CA SER B 165 37.44 8.36 -29.77
C SER B 165 38.01 7.20 -30.60
N PHE B 166 38.09 7.41 -31.91
CA PHE B 166 38.61 6.39 -32.82
C PHE B 166 39.59 7.04 -33.80
N THR B 167 40.49 6.22 -34.35
CA THR B 167 41.51 6.70 -35.29
C THR B 167 41.40 6.06 -36.68
N GLN B 168 40.68 4.94 -36.77
CA GLN B 168 40.55 4.20 -38.01
C GLN B 168 39.09 3.79 -38.24
N VAL B 169 38.60 4.03 -39.45
CA VAL B 169 37.26 3.62 -39.84
C VAL B 169 37.14 2.10 -39.82
N ASP B 170 35.97 1.64 -39.42
CA ASP B 170 35.66 0.22 -39.39
C ASP B 170 35.25 -0.25 -40.79
N ILE B 171 35.95 -1.25 -41.30
CA ILE B 171 35.75 -1.75 -42.67
C ILE B 171 34.62 -2.77 -42.77
N GLY B 172 34.82 -3.94 -42.15
CA GLY B 172 33.85 -5.03 -42.21
C GLY B 172 32.67 -4.90 -41.26
N ASP B 173 32.61 -5.79 -40.27
CA ASP B 173 31.50 -5.83 -39.32
C ASP B 173 31.58 -4.68 -38.32
N ARG B 174 30.43 -4.07 -38.04
CA ARG B 174 30.35 -2.94 -37.14
C ARG B 174 30.62 -3.34 -35.69
N ILE B 175 31.67 -2.78 -35.12
CA ILE B 175 32.02 -2.98 -33.73
C ILE B 175 31.39 -1.85 -32.91
N MET B 176 30.71 -2.21 -31.83
CA MET B 176 29.99 -1.23 -31.00
C MET B 176 30.95 -0.41 -30.13
N LYS B 177 31.52 0.63 -30.71
CA LYS B 177 32.39 1.56 -30.00
C LYS B 177 31.85 2.97 -30.10
N LEU B 178 30.59 3.12 -30.50
CA LEU B 178 29.97 4.44 -30.53
C LEU B 178 29.63 4.92 -29.12
N ASN B 179 29.59 6.24 -28.98
CA ASN B 179 29.21 6.86 -27.73
C ASN B 179 27.70 6.99 -27.69
N THR B 180 27.09 6.69 -26.54
CA THR B 180 25.65 6.86 -26.36
C THR B 180 25.42 7.76 -25.15
N GLU B 181 24.76 8.89 -25.38
CA GLU B 181 24.43 9.82 -24.31
C GLU B 181 22.94 10.16 -24.33
N ILE B 182 22.29 10.00 -23.19
CA ILE B 182 20.87 10.30 -23.05
C ILE B 182 20.70 11.44 -22.06
N ARG B 183 19.87 12.42 -22.44
CA ARG B 183 19.46 13.51 -21.56
C ARG B 183 17.95 13.63 -21.68
N ASP B 184 17.33 14.32 -20.72
CA ASP B 184 15.89 14.60 -20.81
C ASP B 184 15.59 16.09 -20.63
N VAL B 185 14.43 16.50 -21.13
CA VAL B 185 13.96 17.88 -21.00
C VAL B 185 12.48 17.91 -20.61
N GLY B 186 12.13 18.84 -19.74
CA GLY B 186 10.75 18.97 -19.26
C GLY B 186 10.67 19.54 -17.85
N PRO B 187 9.46 19.99 -17.46
CA PRO B 187 8.19 19.85 -18.17
C PRO B 187 8.09 20.73 -19.41
N LEU B 188 7.64 20.13 -20.52
CA LEU B 188 7.44 20.85 -21.76
C LEU B 188 6.03 21.44 -21.78
N SER B 189 5.91 22.68 -22.25
CA SER B 189 4.66 23.43 -22.25
C SER B 189 3.98 23.51 -23.61
N LYS B 190 4.76 23.56 -24.68
CA LYS B 190 4.23 23.90 -26.01
C LYS B 190 4.04 22.66 -26.89
N LYS B 191 3.41 22.84 -28.05
CA LYS B 191 3.06 21.71 -28.93
C LYS B 191 4.25 20.82 -29.29
N GLY B 192 5.39 21.45 -29.55
CA GLY B 192 6.60 20.73 -29.95
C GLY B 192 7.85 21.54 -29.73
N PHE B 193 8.98 21.01 -30.19
CA PHE B 193 10.27 21.62 -29.89
C PHE B 193 11.33 21.28 -30.94
N TYR B 194 12.43 22.03 -30.89
CA TYR B 194 13.57 21.81 -31.77
C TYR B 194 14.80 21.43 -30.94
N LEU B 195 15.59 20.49 -31.46
CA LEU B 195 16.90 20.19 -30.88
C LEU B 195 17.97 20.81 -31.74
N ALA B 196 18.99 21.36 -31.12
CA ALA B 196 20.12 21.91 -31.85
C ALA B 196 21.42 21.40 -31.26
N PHE B 197 22.44 21.27 -32.11
CA PHE B 197 23.77 20.84 -31.70
C PHE B 197 24.75 21.93 -32.09
N GLN B 198 25.63 22.28 -31.16
CA GLN B 198 26.67 23.25 -31.43
C GLN B 198 28.00 22.56 -31.40
N ASP B 199 28.72 22.61 -32.52
CA ASP B 199 30.09 22.15 -32.56
C ASP B 199 31.02 23.35 -32.42
N VAL B 200 32.06 23.18 -31.60
CA VAL B 200 33.05 24.22 -31.33
C VAL B 200 34.45 23.81 -31.79
N GLY B 201 34.53 22.85 -32.71
CA GLY B 201 35.80 22.47 -33.33
C GLY B 201 36.23 21.03 -33.11
N ALA B 202 35.25 20.12 -32.99
CA ALA B 202 35.54 18.70 -32.84
C ALA B 202 35.46 18.01 -34.20
N CYS B 203 35.96 16.77 -34.25
CA CYS B 203 35.81 15.95 -35.45
C CYS B 203 34.79 14.86 -35.14
N ILE B 204 33.53 15.16 -35.41
CA ILE B 204 32.43 14.44 -34.81
C ILE B 204 31.37 14.02 -35.83
N ALA B 205 30.78 12.86 -35.60
CA ALA B 205 29.68 12.38 -36.43
C ALA B 205 28.56 11.97 -35.50
N LEU B 206 27.38 12.57 -35.70
CA LEU B 206 26.18 12.13 -35.06
C LEU B 206 25.63 10.95 -35.87
N VAL B 207 25.76 9.74 -35.32
CA VAL B 207 25.35 8.53 -36.02
C VAL B 207 23.82 8.38 -36.03
N SER B 208 23.18 8.65 -34.89
CA SER B 208 21.73 8.68 -34.81
C SER B 208 21.24 9.60 -33.70
N VAL B 209 20.06 10.15 -33.91
CA VAL B 209 19.39 10.94 -32.88
C VAL B 209 18.02 10.33 -32.69
N ARG B 210 17.73 9.99 -31.43
CA ARG B 210 16.45 9.37 -31.11
C ARG B 210 15.83 10.11 -29.95
N VAL B 211 14.62 10.63 -30.17
CA VAL B 211 13.86 11.37 -29.18
C VAL B 211 12.65 10.54 -28.85
N PHE B 212 12.43 10.29 -27.56
CA PHE B 212 11.33 9.43 -27.13
C PHE B 212 10.78 9.82 -25.75
N TYR B 213 9.60 9.32 -25.45
CA TYR B 213 9.07 9.39 -24.10
C TYR B 213 8.83 7.98 -23.61
N LYS B 214 8.84 7.81 -22.28
CA LYS B 214 8.56 6.53 -21.67
C LYS B 214 7.06 6.41 -21.47
N LYS B 215 6.95 5.09 -21.17
CA LYS B 215 5.55 4.82 -20.87
C LYS B 215 5.33 3.52 -20.09
N CYS B 216 4.29 3.52 -19.24
CA CYS B 216 3.89 2.36 -18.43
C CYS B 216 2.98 1.43 -19.26
N PRO B 217 3.40 0.16 -19.51
CA PRO B 217 2.59 -0.72 -20.38
C PRO B 217 1.27 -1.22 -19.79
N LEU B 218 0.36 -1.63 -20.68
CA LEU B 218 -0.96 -2.17 -20.35
C LEU B 218 -0.79 -3.59 -19.77
N THR B 219 -0.92 -3.71 -18.44
CA THR B 219 -0.75 -4.98 -17.73
C THR B 219 -1.90 -5.26 -16.75
N VAL B 220 -2.26 -6.54 -16.59
CA VAL B 220 -3.33 -7.00 -15.71
C VAL B 220 -2.72 -7.70 -14.48
N ARG B 221 -2.81 -7.04 -13.31
CA ARG B 221 -2.30 -7.55 -12.03
C ARG B 221 -3.39 -7.46 -10.96
N ASN B 222 -3.43 -8.46 -10.05
CA ASN B 222 -4.39 -8.57 -8.94
C ASN B 222 -5.86 -8.61 -9.44
N LEU B 223 -6.07 -9.25 -10.62
CA LEU B 223 -7.35 -9.40 -11.33
C LEU B 223 -8.06 -8.06 -11.64
N ALA B 224 -7.27 -7.10 -12.16
CA ALA B 224 -7.73 -5.76 -12.55
C ALA B 224 -6.92 -5.22 -13.75
N GLN B 225 -7.61 -4.61 -14.72
CA GLN B 225 -7.02 -4.05 -15.93
C GLN B 225 -6.47 -2.64 -15.70
N PHE B 226 -5.28 -2.35 -16.23
CA PHE B 226 -4.62 -1.04 -16.13
C PHE B 226 -4.25 -0.50 -17.52
N PRO B 227 -4.68 0.73 -17.90
CA PRO B 227 -4.35 1.24 -19.24
C PRO B 227 -2.95 1.85 -19.35
N ASP B 228 -2.51 2.14 -20.59
CA ASP B 228 -1.20 2.75 -20.88
C ASP B 228 -1.17 4.20 -20.41
N THR B 229 -0.23 4.53 -19.52
CA THR B 229 -0.08 5.88 -18.96
C THR B 229 1.31 6.45 -19.16
N ILE B 230 1.38 7.73 -19.55
CA ILE B 230 2.64 8.45 -19.77
C ILE B 230 3.33 8.82 -18.46
N THR B 231 4.67 8.86 -18.47
CA THR B 231 5.50 9.18 -17.31
C THR B 231 5.33 10.63 -16.85
N GLY B 232 5.55 10.88 -15.57
CA GLY B 232 5.44 12.20 -14.94
C GLY B 232 6.48 13.18 -15.43
N ALA B 233 6.17 14.49 -15.33
CA ALA B 233 7.05 15.59 -15.75
C ALA B 233 8.32 15.70 -14.91
N ASP B 234 8.26 15.28 -13.63
CA ASP B 234 9.39 15.33 -12.71
C ASP B 234 9.76 13.93 -12.20
N THR B 235 11.05 13.74 -11.83
CA THR B 235 11.57 12.47 -11.30
C THR B 235 11.01 12.23 -9.88
N SER B 236 10.79 13.32 -9.12
CA SER B 236 10.26 13.26 -7.75
C SER B 236 8.71 13.23 -7.70
N SER B 237 8.05 13.16 -8.87
CA SER B 237 6.58 13.09 -8.96
C SER B 237 6.11 11.75 -9.53
N LEU B 238 5.16 11.10 -8.84
CA LEU B 238 4.56 9.83 -9.23
C LEU B 238 3.15 10.02 -9.78
N VAL B 239 2.77 9.17 -10.76
CA VAL B 239 1.45 9.23 -11.41
C VAL B 239 0.51 8.16 -10.82
N GLU B 240 -0.64 8.60 -10.27
CA GLU B 240 -1.65 7.72 -9.69
C GLU B 240 -2.51 7.14 -10.82
N VAL B 241 -2.45 5.81 -11.02
CA VAL B 241 -3.20 5.12 -12.07
C VAL B 241 -4.27 4.21 -11.48
N ARG B 242 -5.56 4.54 -11.72
CA ARG B 242 -6.70 3.76 -11.27
C ARG B 242 -7.45 3.19 -12.47
N GLY B 243 -7.32 1.89 -12.66
CA GLY B 243 -7.94 1.17 -13.78
C GLY B 243 -9.17 0.36 -13.39
N SER B 244 -10.12 0.26 -14.33
CA SER B 244 -11.38 -0.47 -14.15
C SER B 244 -11.19 -1.98 -14.13
N CYS B 245 -12.01 -2.69 -13.33
CA CYS B 245 -11.97 -4.14 -13.16
C CYS B 245 -12.73 -4.87 -14.28
N VAL B 246 -12.54 -6.21 -14.37
CA VAL B 246 -13.16 -7.13 -15.33
C VAL B 246 -14.70 -7.12 -15.17
N ASN B 247 -15.44 -7.23 -16.30
CA ASN B 247 -16.91 -7.27 -16.35
C ASN B 247 -17.53 -8.39 -15.51
N ASN B 248 -16.84 -9.54 -15.41
CA ASN B 248 -17.28 -10.71 -14.63
C ASN B 248 -16.56 -10.75 -13.26
N SER B 249 -16.37 -9.55 -12.64
CA SER B 249 -15.71 -9.37 -11.35
C SER B 249 -16.20 -8.11 -10.64
N GLU B 250 -16.33 -8.15 -9.31
CA GLU B 250 -16.79 -7.03 -8.48
C GLU B 250 -15.64 -6.43 -7.67
N GLU B 251 -15.58 -5.09 -7.61
CA GLU B 251 -14.56 -4.35 -6.88
C GLU B 251 -14.81 -4.37 -5.37
N LYS B 252 -13.99 -5.14 -4.63
CA LYS B 252 -14.06 -5.27 -3.17
C LYS B 252 -13.19 -4.20 -2.53
N ASP B 253 -11.96 -4.01 -3.07
CA ASP B 253 -10.98 -3.02 -2.64
C ASP B 253 -10.59 -2.18 -3.86
N VAL B 254 -10.48 -0.83 -3.67
CA VAL B 254 -10.15 0.13 -4.73
C VAL B 254 -8.75 -0.15 -5.33
N PRO B 255 -8.67 -0.54 -6.62
CA PRO B 255 -7.35 -0.83 -7.21
C PRO B 255 -6.62 0.40 -7.73
N LYS B 256 -5.31 0.50 -7.41
CA LYS B 256 -4.45 1.61 -7.83
C LYS B 256 -2.99 1.21 -7.98
N MET B 257 -2.30 1.81 -8.98
CA MET B 257 -0.90 1.59 -9.28
C MET B 257 -0.17 2.91 -9.50
N TYR B 258 1.14 2.95 -9.20
CA TYR B 258 1.94 4.17 -9.33
C TYR B 258 2.98 4.10 -10.45
N CYS B 259 2.65 4.73 -11.60
CA CYS B 259 3.48 4.79 -12.80
C CYS B 259 4.70 5.71 -12.56
N GLY B 260 5.86 5.08 -12.43
CA GLY B 260 7.13 5.78 -12.19
C GLY B 260 7.72 6.39 -13.43
N ALA B 261 8.79 7.20 -13.25
CA ALA B 261 9.51 7.90 -14.32
C ALA B 261 10.27 6.95 -15.26
N ASP B 262 10.62 5.74 -14.77
CA ASP B 262 11.34 4.71 -15.53
C ASP B 262 10.47 4.00 -16.59
N GLY B 263 9.15 4.21 -16.51
CA GLY B 263 8.18 3.62 -17.42
C GLY B 263 7.60 2.31 -16.95
N GLU B 264 7.43 2.17 -15.61
CA GLU B 264 6.87 0.97 -14.96
C GLU B 264 6.23 1.29 -13.62
N TRP B 265 5.18 0.52 -13.27
CA TRP B 265 4.45 0.66 -12.00
C TRP B 265 5.31 0.25 -10.81
N LEU B 266 5.01 0.79 -9.61
CA LEU B 266 5.78 0.51 -8.40
C LEU B 266 5.11 -0.43 -7.40
N VAL B 267 4.10 0.05 -6.63
CA VAL B 267 3.43 -0.75 -5.61
C VAL B 267 1.93 -0.97 -5.92
N PRO B 268 1.47 -2.23 -6.07
CA PRO B 268 0.03 -2.46 -6.30
C PRO B 268 -0.76 -2.40 -4.99
N ILE B 269 -1.82 -1.57 -4.96
CA ILE B 269 -2.68 -1.42 -3.78
C ILE B 269 -4.14 -1.60 -4.18
N GLY B 270 -4.80 -2.57 -3.55
CA GLY B 270 -6.20 -2.90 -3.79
C GLY B 270 -6.39 -4.00 -4.81
N ASN B 271 -6.99 -5.12 -4.38
CA ASN B 271 -7.26 -6.28 -5.23
C ASN B 271 -8.75 -6.44 -5.56
N CYS B 272 -9.04 -6.78 -6.82
CA CYS B 272 -10.40 -6.98 -7.32
C CYS B 272 -10.74 -8.48 -7.37
N LEU B 273 -11.56 -8.95 -6.41
CA LEU B 273 -11.97 -10.35 -6.27
C LEU B 273 -13.00 -10.74 -7.34
N CYS B 274 -12.89 -11.99 -7.87
CA CYS B 274 -13.78 -12.51 -8.91
C CYS B 274 -15.22 -12.67 -8.41
N ASN B 275 -16.20 -12.38 -9.29
CA ASN B 275 -17.64 -12.45 -9.00
C ASN B 275 -18.09 -13.89 -8.73
N ALA B 276 -19.28 -14.04 -8.10
CA ALA B 276 -19.88 -15.34 -7.76
C ALA B 276 -20.19 -16.15 -9.01
N GLY B 277 -19.52 -17.30 -9.13
CA GLY B 277 -19.65 -18.20 -10.27
C GLY B 277 -18.53 -18.03 -11.28
N HIS B 278 -17.39 -17.44 -10.84
CA HIS B 278 -16.20 -17.17 -11.65
C HIS B 278 -14.93 -17.38 -10.80
N GLU B 279 -13.96 -18.16 -11.32
CA GLU B 279 -12.69 -18.48 -10.66
C GLU B 279 -11.49 -17.64 -11.17
N GLU B 280 -10.33 -17.77 -10.50
CA GLU B 280 -9.08 -17.07 -10.84
C GLU B 280 -8.48 -17.63 -12.13
N ARG B 281 -7.96 -16.74 -12.99
CA ARG B 281 -7.34 -17.08 -14.27
C ARG B 281 -6.31 -16.03 -14.70
N SER B 282 -5.37 -16.40 -15.58
CA SER B 282 -4.29 -15.58 -16.15
C SER B 282 -4.77 -14.22 -16.69
N GLY B 283 -5.94 -14.20 -17.31
CA GLY B 283 -6.56 -13.01 -17.86
C GLY B 283 -7.77 -12.56 -17.07
N GLU B 284 -8.97 -12.80 -17.63
CA GLU B 284 -10.26 -12.45 -17.03
C GLU B 284 -10.79 -13.59 -16.14
N CYS B 285 -11.75 -13.30 -15.24
CA CYS B 285 -12.36 -14.31 -14.34
C CYS B 285 -13.15 -15.35 -15.15
N GLN B 286 -12.60 -16.57 -15.24
CA GLN B 286 -13.20 -17.69 -15.98
C GLN B 286 -14.34 -18.32 -15.17
N ALA B 287 -15.50 -18.53 -15.81
CA ALA B 287 -16.69 -19.12 -15.17
C ALA B 287 -16.51 -20.59 -14.79
N CYS B 288 -17.25 -21.05 -13.75
CA CYS B 288 -17.23 -22.44 -13.25
C CYS B 288 -17.76 -23.41 -14.30
N LYS B 289 -17.05 -24.53 -14.50
CA LYS B 289 -17.41 -25.58 -15.47
C LYS B 289 -18.70 -26.33 -15.06
N ILE B 290 -19.24 -27.17 -15.98
CA ILE B 290 -20.45 -27.95 -15.75
C ILE B 290 -20.23 -28.95 -14.60
N GLY B 291 -20.88 -28.67 -13.47
CA GLY B 291 -20.79 -29.44 -12.25
C GLY B 291 -19.97 -28.76 -11.16
N TYR B 292 -19.86 -27.43 -11.23
CA TYR B 292 -19.12 -26.59 -10.28
C TYR B 292 -19.91 -25.34 -9.90
N TYR B 293 -19.76 -24.87 -8.65
CA TYR B 293 -20.46 -23.69 -8.13
C TYR B 293 -19.59 -22.77 -7.26
N LYS B 294 -20.04 -21.52 -7.09
CA LYS B 294 -19.38 -20.49 -6.28
C LYS B 294 -20.46 -19.51 -5.77
N ALA B 295 -20.91 -19.70 -4.53
CA ALA B 295 -21.96 -18.89 -3.91
C ALA B 295 -21.51 -17.47 -3.55
N LEU B 296 -20.35 -17.34 -2.88
CA LEU B 296 -19.80 -16.04 -2.45
C LEU B 296 -18.46 -15.73 -3.12
N SER B 297 -18.12 -14.43 -3.20
CA SER B 297 -16.86 -13.94 -3.79
C SER B 297 -15.68 -14.27 -2.88
N THR B 298 -15.02 -15.41 -3.15
CA THR B 298 -13.87 -15.92 -2.40
C THR B 298 -12.69 -16.14 -3.37
N ASP B 299 -11.45 -16.09 -2.85
CA ASP B 299 -10.23 -16.30 -3.63
C ASP B 299 -10.10 -17.76 -4.13
N ALA B 300 -10.69 -18.72 -3.38
CA ALA B 300 -10.69 -20.15 -3.70
C ALA B 300 -11.46 -20.45 -4.99
N THR B 301 -11.02 -21.49 -5.73
CA THR B 301 -11.61 -21.94 -7.00
C THR B 301 -13.00 -22.58 -6.83
N CYS B 302 -13.71 -22.80 -7.96
CA CYS B 302 -15.05 -23.40 -8.02
C CYS B 302 -15.05 -24.82 -7.46
N ALA B 303 -15.93 -25.07 -6.47
CA ALA B 303 -16.07 -26.37 -5.82
C ALA B 303 -17.14 -27.22 -6.53
N LYS B 304 -16.94 -28.55 -6.55
CA LYS B 304 -17.86 -29.52 -7.17
C LYS B 304 -19.21 -29.56 -6.43
N CYS B 305 -20.30 -29.90 -7.16
CA CYS B 305 -21.66 -30.00 -6.62
C CYS B 305 -21.74 -30.93 -5.40
N PRO B 306 -22.48 -30.54 -4.33
CA PRO B 306 -22.56 -31.42 -3.15
C PRO B 306 -23.35 -32.72 -3.40
N PRO B 307 -23.22 -33.79 -2.57
CA PRO B 307 -23.99 -35.02 -2.84
C PRO B 307 -25.49 -34.83 -2.97
N HIS B 308 -26.13 -35.58 -3.89
CA HIS B 308 -27.55 -35.56 -4.23
C HIS B 308 -28.02 -34.19 -4.80
N SER B 309 -27.20 -33.59 -5.68
CA SER B 309 -27.49 -32.32 -6.33
C SER B 309 -27.27 -32.38 -7.84
N TYR B 310 -28.25 -31.87 -8.61
CA TYR B 310 -28.26 -31.82 -10.07
C TYR B 310 -27.24 -30.83 -10.62
N SER B 311 -26.52 -31.22 -11.69
CA SER B 311 -25.50 -30.41 -12.35
C SER B 311 -26.13 -29.30 -13.19
N VAL B 312 -25.70 -28.05 -12.96
CA VAL B 312 -26.20 -26.85 -13.67
C VAL B 312 -25.22 -26.46 -14.79
N TRP B 313 -25.66 -25.58 -15.71
CA TRP B 313 -24.89 -25.06 -16.84
C TRP B 313 -23.68 -24.22 -16.40
N GLU B 314 -22.73 -23.97 -17.34
CA GLU B 314 -21.49 -23.22 -17.12
C GLU B 314 -21.74 -21.83 -16.53
N GLY B 315 -21.07 -21.54 -15.40
CA GLY B 315 -21.19 -20.29 -14.68
C GLY B 315 -22.41 -20.24 -13.78
N ALA B 316 -22.49 -21.18 -12.83
CA ALA B 316 -23.60 -21.31 -11.88
C ALA B 316 -23.25 -20.79 -10.49
N THR B 317 -24.23 -20.18 -9.81
CA THR B 317 -24.07 -19.62 -8.45
C THR B 317 -24.11 -20.75 -7.41
N SER B 318 -25.09 -21.67 -7.54
CA SER B 318 -25.26 -22.81 -6.63
C SER B 318 -25.86 -24.01 -7.37
N CYS B 319 -25.37 -25.23 -7.05
CA CYS B 319 -25.85 -26.48 -7.66
C CYS B 319 -27.26 -26.80 -7.19
N THR B 320 -28.23 -26.77 -8.13
CA THR B 320 -29.65 -27.04 -7.87
C THR B 320 -29.88 -28.51 -7.45
N CYS B 321 -30.88 -28.74 -6.59
CA CYS B 321 -31.22 -30.07 -6.10
C CYS B 321 -32.20 -30.77 -7.03
N ASP B 322 -31.96 -32.06 -7.31
CA ASP B 322 -32.82 -32.89 -8.17
C ASP B 322 -34.13 -33.27 -7.47
N ARG B 323 -35.09 -33.85 -8.23
CA ARG B 323 -36.41 -34.27 -7.75
C ARG B 323 -36.32 -35.20 -6.54
N GLY B 324 -37.08 -34.88 -5.50
CA GLY B 324 -37.11 -35.61 -4.25
C GLY B 324 -36.27 -34.99 -3.15
N PHE B 325 -35.34 -34.09 -3.53
CA PHE B 325 -34.44 -33.38 -2.63
C PHE B 325 -34.65 -31.86 -2.76
N PHE B 326 -34.68 -31.16 -1.60
CA PHE B 326 -34.86 -29.69 -1.56
C PHE B 326 -33.98 -29.07 -0.47
N ARG B 327 -33.42 -27.88 -0.77
CA ARG B 327 -32.54 -27.14 0.15
C ARG B 327 -33.27 -25.98 0.83
N ALA B 328 -33.01 -25.80 2.15
CA ALA B 328 -33.63 -24.75 2.96
C ALA B 328 -33.03 -23.36 2.68
N ASP B 329 -33.84 -22.30 2.90
CA ASP B 329 -33.48 -20.90 2.70
C ASP B 329 -32.41 -20.44 3.69
N ASN B 330 -32.58 -20.78 4.99
CA ASN B 330 -31.64 -20.43 6.07
C ASN B 330 -30.35 -21.24 6.00
N ASP B 331 -30.42 -22.46 5.43
CA ASP B 331 -29.28 -23.37 5.28
C ASP B 331 -28.29 -22.88 4.22
N ALA B 332 -26.98 -23.07 4.49
CA ALA B 332 -25.89 -22.66 3.61
C ALA B 332 -25.82 -23.48 2.32
N ALA B 333 -25.24 -22.87 1.25
CA ALA B 333 -25.07 -23.49 -0.07
C ALA B 333 -24.08 -24.65 -0.08
N SER B 334 -23.11 -24.64 0.86
CA SER B 334 -22.07 -25.67 1.01
C SER B 334 -22.64 -27.03 1.46
N MET B 335 -23.74 -27.01 2.24
CA MET B 335 -24.42 -28.20 2.76
C MET B 335 -25.14 -28.99 1.65
N PRO B 336 -25.10 -30.36 1.68
CA PRO B 336 -25.79 -31.13 0.63
C PRO B 336 -27.31 -31.13 0.75
N CYS B 337 -28.02 -31.50 -0.34
CA CYS B 337 -29.48 -31.56 -0.41
C CYS B 337 -30.02 -32.67 0.50
N THR B 338 -31.11 -32.37 1.22
CA THR B 338 -31.72 -33.32 2.17
C THR B 338 -33.11 -33.80 1.78
N ARG B 339 -31.30 -35.50 2.77
CA ARG B 339 -32.40 -36.45 2.59
C ARG B 339 -33.51 -36.24 3.65
N PRO B 340 -34.78 -36.66 3.42
CA PRO B 340 -35.81 -36.50 4.46
C PRO B 340 -35.57 -37.45 5.64
N PRO B 341 -36.02 -37.12 6.88
CA PRO B 341 -35.76 -38.02 8.01
C PRO B 341 -36.65 -39.27 8.07
N SER B 342 -36.26 -40.24 8.91
CA SER B 342 -37.00 -41.49 9.13
C SER B 342 -37.70 -41.45 10.49
N ALA B 343 -38.82 -42.17 10.62
CA ALA B 343 -39.59 -42.25 11.87
C ALA B 343 -38.96 -43.27 12.83
N PRO B 344 -38.95 -43.03 14.17
CA PRO B 344 -38.35 -44.01 15.09
C PRO B 344 -39.21 -45.25 15.26
N LEU B 345 -38.72 -46.41 14.76
CA LEU B 345 -39.38 -47.72 14.75
C LEU B 345 -39.97 -48.19 16.09
N ASN B 346 -39.23 -48.00 17.20
CA ASN B 346 -39.67 -48.42 18.53
C ASN B 346 -40.39 -47.32 19.30
N LEU B 347 -41.52 -47.69 19.94
CA LEU B 347 -42.34 -46.77 20.74
C LEU B 347 -42.77 -47.42 22.04
N ILE B 348 -42.37 -46.82 23.17
CA ILE B 348 -42.67 -47.28 24.52
C ILE B 348 -43.73 -46.35 25.13
N SER B 349 -44.84 -46.92 25.61
CA SER B 349 -45.94 -46.16 26.19
C SER B 349 -46.42 -46.67 27.55
N ASN B 350 -46.49 -45.77 28.54
CA ASN B 350 -46.95 -46.04 29.90
C ASN B 350 -48.18 -45.17 30.19
N VAL B 351 -49.24 -45.76 30.76
CA VAL B 351 -50.46 -45.01 31.06
C VAL B 351 -50.77 -44.84 32.55
N ASN B 352 -51.41 -43.70 32.88
CA ASN B 352 -51.88 -43.32 34.20
C ASN B 352 -53.41 -43.13 34.09
N GLU B 353 -54.10 -42.86 35.22
CA GLU B 353 -55.55 -42.69 35.30
C GLU B 353 -56.12 -41.67 34.29
N THR B 354 -55.43 -40.51 34.12
CA THR B 354 -55.84 -39.46 33.19
C THR B 354 -54.73 -38.99 32.23
N SER B 355 -53.47 -39.37 32.51
CA SER B 355 -52.31 -38.98 31.70
C SER B 355 -51.61 -40.15 31.01
N VAL B 356 -50.81 -39.85 29.97
CA VAL B 356 -50.06 -40.84 29.19
C VAL B 356 -48.61 -40.37 28.90
N ASN B 357 -47.63 -41.24 29.17
CA ASN B 357 -46.20 -40.97 28.95
C ASN B 357 -45.67 -41.73 27.74
N LEU B 358 -44.95 -41.04 26.84
CA LEU B 358 -44.38 -41.62 25.62
C LEU B 358 -42.87 -41.46 25.52
N GLU B 359 -42.20 -42.50 24.99
CA GLU B 359 -40.74 -42.56 24.82
C GLU B 359 -40.37 -43.31 23.53
N TRP B 360 -39.35 -42.80 22.81
CA TRP B 360 -38.86 -43.38 21.56
C TRP B 360 -37.34 -43.19 21.41
N SER B 361 -36.71 -43.97 20.52
CA SER B 361 -35.27 -43.88 20.26
C SER B 361 -34.94 -42.90 19.13
N SER B 362 -33.64 -42.72 18.82
CA SER B 362 -33.15 -41.83 17.77
C SER B 362 -33.51 -42.36 16.37
N PRO B 363 -33.76 -41.49 15.36
CA PRO B 363 -34.13 -42.00 14.02
C PRO B 363 -33.02 -42.79 13.33
N GLN B 364 -33.41 -43.74 12.46
CA GLN B 364 -32.49 -44.60 11.71
C GLN B 364 -31.69 -43.79 10.68
N ASN B 365 -32.38 -43.12 9.75
CA ASN B 365 -31.77 -42.29 8.71
C ASN B 365 -31.95 -40.81 9.09
N THR B 366 -30.83 -40.16 9.46
CA THR B 366 -30.79 -38.77 9.89
C THR B 366 -31.09 -37.82 8.71
N GLY B 367 -30.53 -38.14 7.54
CA GLY B 367 -30.69 -37.35 6.33
C GLY B 367 -29.51 -36.45 6.06
N GLY B 368 -28.86 -36.01 7.14
CA GLY B 368 -27.68 -35.13 7.09
C GLY B 368 -27.87 -33.80 7.81
N ARG B 369 -28.86 -33.71 8.72
CA ARG B 369 -29.14 -32.49 9.47
C ARG B 369 -29.13 -32.71 10.98
N GLN B 370 -28.50 -31.76 11.71
CA GLN B 370 -28.37 -31.79 13.16
C GLN B 370 -29.68 -31.40 13.87
N ASP B 371 -30.51 -30.56 13.22
CA ASP B 371 -31.79 -30.08 13.76
C ASP B 371 -32.95 -31.07 13.57
N ILE B 372 -33.11 -31.99 14.53
CA ILE B 372 -34.16 -33.01 14.50
C ILE B 372 -35.20 -32.71 15.58
N SER B 373 -36.46 -32.54 15.16
CA SER B 373 -37.59 -32.26 16.04
C SER B 373 -38.69 -33.32 15.90
N TYR B 374 -39.59 -33.42 16.89
CA TYR B 374 -40.69 -34.39 16.87
C TYR B 374 -42.04 -33.71 17.09
N ASN B 375 -43.02 -34.02 16.22
CA ASN B 375 -44.38 -33.48 16.29
C ASN B 375 -45.38 -34.57 16.68
N VAL B 376 -46.10 -34.35 17.79
CA VAL B 376 -47.10 -35.29 18.30
C VAL B 376 -48.49 -34.86 17.80
N VAL B 377 -49.20 -35.79 17.13
CA VAL B 377 -50.53 -35.52 16.57
C VAL B 377 -51.59 -36.43 17.23
N CYS B 378 -52.64 -35.80 17.79
CA CYS B 378 -53.77 -36.49 18.43
C CYS B 378 -54.74 -36.94 17.34
N LYS B 379 -55.26 -38.17 17.44
CA LYS B 379 -56.15 -38.71 16.41
C LYS B 379 -57.54 -39.16 16.91
N LYS B 380 -57.60 -39.82 18.09
CA LYS B 380 -58.82 -40.36 18.71
C LYS B 380 -59.49 -41.46 17.84
N CYS B 381 -58.66 -42.17 17.03
CA CYS B 381 -59.10 -43.23 16.13
C CYS B 381 -59.20 -44.61 16.80
N GLY B 382 -58.68 -44.70 18.02
CA GLY B 382 -58.70 -45.92 18.82
C GLY B 382 -60.10 -46.35 19.24
N ALA B 383 -60.96 -45.36 19.55
CA ALA B 383 -62.35 -45.59 19.96
C ALA B 383 -63.20 -45.99 18.76
N GLY B 384 -63.87 -47.13 18.89
CA GLY B 384 -64.73 -47.70 17.85
C GLY B 384 -63.99 -48.58 16.86
N ASP B 385 -64.69 -49.61 16.36
CA ASP B 385 -64.18 -50.57 15.38
C ASP B 385 -63.85 -49.96 13.98
N PRO B 386 -64.69 -49.08 13.36
CA PRO B 386 -64.33 -48.55 12.02
C PRO B 386 -63.06 -47.70 11.98
N SER B 387 -62.45 -47.62 10.78
CA SER B 387 -61.22 -46.87 10.50
C SER B 387 -61.37 -45.36 10.63
N LYS B 388 -62.49 -44.79 10.14
CA LYS B 388 -62.77 -43.35 10.17
C LYS B 388 -63.10 -42.86 11.58
N CYS B 389 -62.60 -41.66 11.94
CA CYS B 389 -62.80 -41.05 13.26
C CYS B 389 -62.82 -39.51 13.23
N ARG B 390 -63.15 -38.90 14.39
CA ARG B 390 -63.20 -37.44 14.59
C ARG B 390 -61.87 -36.95 15.19
N PRO B 391 -61.35 -35.78 14.77
CA PRO B 391 -60.07 -35.29 15.34
C PRO B 391 -60.21 -34.73 16.76
N CYS B 392 -59.08 -34.59 17.47
CA CYS B 392 -59.04 -34.06 18.84
C CYS B 392 -59.28 -32.53 18.84
N GLY B 393 -60.55 -32.16 18.75
CA GLY B 393 -60.99 -30.77 18.75
C GLY B 393 -60.81 -30.07 20.08
N SER B 394 -60.88 -30.86 21.18
CA SER B 394 -60.72 -30.39 22.56
C SER B 394 -59.27 -30.00 22.86
N GLY B 395 -59.09 -29.15 23.88
CA GLY B 395 -57.78 -28.65 24.30
C GLY B 395 -56.92 -29.66 25.03
N VAL B 396 -56.13 -30.45 24.29
CA VAL B 396 -55.24 -31.46 24.83
C VAL B 396 -53.95 -30.78 25.33
N HIS B 397 -53.64 -30.91 26.64
CA HIS B 397 -52.47 -30.28 27.24
C HIS B 397 -51.29 -31.21 27.45
N TYR B 398 -50.13 -30.87 26.86
CA TYR B 398 -48.88 -31.60 27.02
C TYR B 398 -47.73 -30.70 27.40
N THR B 399 -47.40 -30.71 28.70
CA THR B 399 -46.36 -29.94 29.40
C THR B 399 -44.96 -29.75 28.74
N PRO B 400 -44.29 -30.76 28.10
CA PRO B 400 -42.93 -30.50 27.57
C PRO B 400 -42.88 -29.48 26.43
N GLN B 401 -43.57 -29.76 25.31
CA GLN B 401 -43.65 -28.90 24.12
C GLN B 401 -44.90 -29.28 23.32
N GLN B 402 -45.48 -28.31 22.60
CA GLN B 402 -46.69 -28.51 21.78
C GLN B 402 -46.37 -29.23 20.47
N ASN B 403 -45.44 -28.68 19.68
CA ASN B 403 -44.98 -29.22 18.39
C ASN B 403 -43.52 -28.83 18.17
N GLY B 404 -42.73 -29.81 17.73
CA GLY B 404 -41.31 -29.63 17.44
C GLY B 404 -40.41 -29.74 18.65
N LEU B 405 -40.51 -30.86 19.39
CA LEU B 405 -39.69 -31.13 20.57
C LEU B 405 -38.38 -31.81 20.17
N LYS B 406 -37.27 -31.34 20.75
CA LYS B 406 -35.92 -31.86 20.51
C LYS B 406 -35.62 -33.12 21.34
N THR B 407 -36.25 -33.23 22.54
CA THR B 407 -36.10 -34.36 23.46
C THR B 407 -36.92 -35.55 22.93
N THR B 408 -36.46 -36.79 23.20
CA THR B 408 -37.11 -38.03 22.77
C THR B 408 -38.20 -38.55 23.75
N LYS B 409 -38.54 -37.75 24.79
CA LYS B 409 -39.54 -38.11 25.79
C LYS B 409 -40.60 -37.01 25.93
N VAL B 410 -41.89 -37.40 25.86
CA VAL B 410 -43.03 -36.49 25.99
C VAL B 410 -44.13 -37.04 26.94
N SER B 411 -44.88 -36.15 27.60
CA SER B 411 -45.95 -36.52 28.54
C SER B 411 -47.23 -35.73 28.26
N ILE B 412 -48.31 -36.45 27.92
CA ILE B 412 -49.63 -35.89 27.59
C ILE B 412 -50.56 -36.01 28.79
N THR B 413 -51.19 -34.88 29.20
CA THR B 413 -52.11 -34.81 30.34
C THR B 413 -53.54 -34.36 29.94
N ASP B 414 -54.48 -34.42 30.91
CA ASP B 414 -55.91 -34.05 30.78
C ASP B 414 -56.70 -34.83 29.73
N LEU B 415 -56.37 -36.12 29.54
CA LEU B 415 -57.05 -37.01 28.60
C LEU B 415 -58.24 -37.68 29.27
N LEU B 416 -59.40 -37.69 28.57
CA LEU B 416 -60.66 -38.27 29.05
C LEU B 416 -60.60 -39.77 29.30
N ALA B 417 -61.02 -40.20 30.49
CA ALA B 417 -61.04 -41.62 30.91
C ALA B 417 -62.13 -42.40 30.17
N HIS B 418 -61.98 -43.75 30.11
CA HIS B 418 -62.88 -44.71 29.44
C HIS B 418 -62.92 -44.59 27.90
N THR B 419 -62.15 -43.65 27.32
CA THR B 419 -62.07 -43.41 25.88
C THR B 419 -60.71 -43.84 25.33
N ASN B 420 -60.72 -44.55 24.19
CA ASN B 420 -59.52 -45.05 23.52
C ASN B 420 -58.90 -43.98 22.62
N TYR B 421 -57.57 -43.79 22.71
CA TYR B 421 -56.82 -42.78 21.95
C TYR B 421 -55.63 -43.37 21.17
N THR B 422 -55.12 -42.59 20.19
CA THR B 422 -53.96 -42.94 19.37
C THR B 422 -53.15 -41.69 18.98
N PHE B 423 -51.82 -41.72 19.17
CA PHE B 423 -50.92 -40.60 18.88
C PHE B 423 -49.91 -40.91 17.78
N GLU B 424 -49.76 -39.98 16.82
CA GLU B 424 -48.82 -40.11 15.69
C GLU B 424 -47.60 -39.21 15.91
N ILE B 425 -46.48 -39.81 16.36
CA ILE B 425 -45.23 -39.07 16.58
C ILE B 425 -44.49 -38.97 15.26
N TRP B 426 -44.65 -37.81 14.61
CA TRP B 426 -44.12 -37.45 13.29
C TRP B 426 -42.81 -36.66 13.40
N ALA B 427 -41.70 -37.25 12.91
CA ALA B 427 -40.36 -36.65 12.93
C ALA B 427 -40.24 -35.52 11.91
N VAL B 428 -39.80 -34.35 12.37
CA VAL B 428 -39.64 -33.14 11.55
C VAL B 428 -38.18 -32.67 11.51
N ASN B 429 -37.65 -32.45 10.31
CA ASN B 429 -36.28 -31.96 10.06
C ASN B 429 -36.35 -30.50 9.59
N GLY B 430 -35.19 -29.87 9.44
CA GLY B 430 -35.09 -28.49 8.96
C GLY B 430 -35.48 -28.36 7.51
N VAL B 431 -35.29 -29.44 6.73
CA VAL B 431 -35.60 -29.53 5.30
C VAL B 431 -37.02 -30.03 5.02
N SER B 432 -37.59 -30.88 5.91
CA SER B 432 -38.91 -31.51 5.83
C SER B 432 -40.09 -30.59 5.45
N LYS B 433 -39.97 -29.27 5.72
CA LYS B 433 -40.98 -28.27 5.36
C LYS B 433 -40.96 -28.05 3.84
N TYR B 434 -39.75 -27.82 3.27
CA TYR B 434 -39.51 -27.63 1.84
C TYR B 434 -39.71 -28.96 1.10
N ASN B 435 -39.28 -30.07 1.74
CA ASN B 435 -39.41 -31.44 1.23
C ASN B 435 -40.87 -31.90 1.29
N PRO B 436 -41.30 -32.90 0.48
CA PRO B 436 -42.70 -33.37 0.61
C PRO B 436 -42.91 -34.14 1.92
N ASN B 437 -44.15 -34.17 2.43
CA ASN B 437 -44.52 -34.83 3.69
C ASN B 437 -44.02 -36.29 3.74
N PRO B 438 -43.21 -36.68 4.75
CA PRO B 438 -42.70 -38.06 4.83
C PRO B 438 -43.82 -39.11 4.80
N ASP B 439 -43.64 -40.12 3.92
CA ASP B 439 -44.55 -41.23 3.68
C ASP B 439 -45.11 -41.91 4.93
N GLN B 440 -44.25 -42.27 5.88
CA GLN B 440 -44.69 -42.95 7.11
C GLN B 440 -44.14 -42.37 8.40
N SER B 441 -44.98 -42.45 9.46
CA SER B 441 -44.70 -41.99 10.82
C SER B 441 -45.15 -43.09 11.79
N VAL B 442 -44.26 -43.50 12.72
CA VAL B 442 -44.55 -44.55 13.69
C VAL B 442 -45.53 -44.06 14.77
N SER B 443 -46.67 -44.76 14.89
CA SER B 443 -47.76 -44.44 15.83
C SER B 443 -48.13 -45.65 16.70
N VAL B 444 -48.72 -45.38 17.88
CA VAL B 444 -49.16 -46.40 18.85
C VAL B 444 -50.54 -46.05 19.45
N THR B 445 -51.43 -47.06 19.53
CA THR B 445 -52.79 -46.91 20.08
C THR B 445 -52.80 -47.27 21.57
N VAL B 446 -53.36 -46.38 22.41
CA VAL B 446 -53.42 -46.56 23.87
C VAL B 446 -54.84 -46.44 24.46
N THR B 447 -55.00 -46.91 25.72
CA THR B 447 -56.25 -46.87 26.47
C THR B 447 -56.08 -45.99 27.73
N THR B 448 -57.16 -45.29 28.14
CA THR B 448 -57.13 -44.36 29.28
C THR B 448 -57.42 -44.97 30.66
N ASN B 449 -58.65 -45.47 30.87
CA ASN B 449 -59.09 -46.02 32.15
C ASN B 449 -58.47 -47.37 32.54
N GLN B 450 -58.18 -48.23 31.55
CA GLN B 450 -57.60 -49.56 31.76
C GLN B 450 -56.21 -49.52 32.40
N ALA B 451 -55.99 -50.38 33.40
CA ALA B 451 -54.76 -50.49 34.18
C ALA B 451 -53.55 -51.09 33.44
N ALA B 452 -53.19 -50.62 33.58
CA ALA B 452 -51.89 -51.16 33.19
C ALA B 452 -51.88 -52.71 33.25
N PRO B 453 -50.98 -53.43 32.52
CA PRO B 453 -50.98 -54.89 32.59
C PRO B 453 -50.48 -55.45 33.92
N SER B 454 -50.99 -56.64 34.31
CA SER B 454 -50.61 -57.33 35.54
C SER B 454 -49.29 -58.10 35.39
N SER B 455 -48.86 -58.81 36.46
CA SER B 455 -47.61 -59.59 36.48
C SER B 455 -47.83 -61.05 36.09
N ILE B 456 -46.75 -61.71 35.61
CA ILE B 456 -46.75 -63.12 35.21
C ILE B 456 -46.79 -63.98 36.49
N ALA B 457 -47.75 -64.92 36.56
CA ALA B 457 -47.97 -65.82 37.69
C ALA B 457 -46.75 -66.67 38.06
N LEU B 458 -46.13 -67.35 37.07
CA LEU B 458 -44.96 -68.21 37.27
C LEU B 458 -44.10 -68.37 36.02
N VAL B 459 -42.77 -68.40 36.22
CA VAL B 459 -41.76 -68.59 35.16
C VAL B 459 -41.07 -69.95 35.35
N GLN B 460 -40.60 -70.57 34.25
CA GLN B 460 -39.95 -71.87 34.34
C GLN B 460 -38.75 -72.04 33.40
N ALA B 461 -37.71 -72.73 33.90
CA ALA B 461 -36.49 -73.05 33.16
C ALA B 461 -36.65 -74.40 32.47
N LYS B 462 -36.43 -74.44 31.14
CA LYS B 462 -36.58 -75.66 30.34
C LYS B 462 -35.29 -76.48 30.24
N GLU B 463 -34.20 -75.86 29.75
CA GLU B 463 -32.90 -76.51 29.60
C GLU B 463 -31.85 -75.87 30.51
N VAL B 464 -31.04 -76.69 31.20
CA VAL B 464 -29.99 -76.23 32.11
C VAL B 464 -28.63 -76.84 31.71
N THR B 465 -27.75 -75.99 31.15
CA THR B 465 -26.39 -76.35 30.73
C THR B 465 -25.37 -75.31 31.23
N ARG B 466 -24.07 -75.63 31.13
CA ARG B 466 -22.97 -74.74 31.58
C ARG B 466 -22.80 -73.46 30.75
N TYR B 467 -23.37 -73.42 29.53
CA TYR B 467 -23.28 -72.28 28.61
C TYR B 467 -24.61 -71.53 28.41
N SER B 468 -25.74 -72.26 28.38
CA SER B 468 -27.07 -71.68 28.16
C SER B 468 -28.16 -72.23 29.07
N VAL B 469 -29.16 -71.39 29.39
CA VAL B 469 -30.32 -71.69 30.24
C VAL B 469 -31.56 -71.13 29.52
N ALA B 470 -32.47 -72.03 29.09
CA ALA B 470 -33.71 -71.68 28.40
C ALA B 470 -34.79 -71.21 29.39
N LEU B 471 -35.64 -70.27 28.96
CA LEU B 471 -36.72 -69.73 29.80
C LEU B 471 -38.08 -69.77 29.11
N ALA B 472 -39.11 -70.19 29.86
CA ALA B 472 -40.50 -70.29 29.42
C ALA B 472 -41.42 -69.60 30.41
N TRP B 473 -42.41 -68.84 29.91
CA TRP B 473 -43.38 -68.11 30.73
C TRP B 473 -44.72 -67.91 30.01
N LEU B 474 -45.81 -67.77 30.78
CA LEU B 474 -47.16 -67.52 30.27
C LEU B 474 -47.49 -66.04 30.35
N GLU B 475 -48.52 -65.59 29.60
CA GLU B 475 -48.98 -64.19 29.62
C GLU B 475 -49.66 -63.87 30.98
N PRO B 476 -49.61 -62.61 31.48
CA PRO B 476 -50.24 -62.32 32.78
C PRO B 476 -51.75 -62.56 32.85
N ASP B 477 -52.26 -62.81 34.08
CA ASP B 477 -53.67 -63.08 34.38
C ASP B 477 -54.63 -62.02 33.86
N ARG B 478 -54.25 -60.74 33.99
CA ARG B 478 -55.04 -59.59 33.51
C ARG B 478 -54.22 -58.80 32.49
N PRO B 479 -54.59 -58.81 31.19
CA PRO B 479 -53.78 -58.09 30.19
C PRO B 479 -54.01 -56.58 30.15
N ASN B 480 -55.29 -56.12 30.26
CA ASN B 480 -55.71 -54.71 30.22
C ASN B 480 -55.28 -53.97 28.93
N GLY B 481 -54.96 -54.75 27.89
CA GLY B 481 -54.50 -54.28 26.59
C GLY B 481 -53.76 -55.35 25.81
N VAL B 482 -53.42 -55.06 24.54
CA VAL B 482 -52.71 -55.99 23.66
C VAL B 482 -51.22 -56.02 24.06
N ILE B 483 -50.70 -57.24 24.34
CA ILE B 483 -49.30 -57.44 24.73
C ILE B 483 -48.38 -57.24 23.52
N LEU B 484 -47.36 -56.39 23.67
CA LEU B 484 -46.42 -56.06 22.61
C LEU B 484 -44.99 -56.52 22.86
N GLU B 485 -44.54 -56.53 24.13
CA GLU B 485 -43.16 -56.90 24.48
C GLU B 485 -43.05 -57.52 25.88
N TYR B 486 -41.97 -58.30 26.10
CA TYR B 486 -41.62 -58.93 27.38
C TYR B 486 -40.15 -58.62 27.67
N GLU B 487 -39.87 -57.94 28.79
CA GLU B 487 -38.52 -57.57 29.20
C GLU B 487 -38.01 -58.50 30.29
N VAL B 488 -36.81 -59.08 30.10
CA VAL B 488 -36.20 -60.00 31.07
C VAL B 488 -34.94 -59.39 31.68
N LYS B 489 -34.82 -59.44 33.03
CA LYS B 489 -33.70 -58.91 33.81
C LYS B 489 -32.87 -60.04 34.44
N TYR B 490 -31.52 -59.90 34.40
CA TYR B 490 -30.59 -60.86 34.99
C TYR B 490 -29.65 -60.18 35.99
N TYR B 491 -29.47 -60.79 37.17
CA TYR B 491 -28.56 -60.28 38.21
C TYR B 491 -27.88 -61.40 38.98
N GLU B 492 -26.54 -61.34 39.07
CA GLU B 492 -25.69 -62.33 39.75
C GLU B 492 -25.81 -62.25 41.27
N LYS B 493 -25.83 -63.42 41.93
CA LYS B 493 -25.90 -63.55 43.39
C LYS B 493 -24.49 -63.86 43.94
N ASP B 494 -24.31 -63.74 45.27
CA ASP B 494 -23.06 -63.97 46.02
C ASP B 494 -21.94 -62.94 45.76
N GLN B 495 -22.19 -61.98 44.85
CA GLN B 495 -21.26 -60.91 44.47
C GLN B 495 -21.97 -59.55 44.46
N ASN B 496 -21.20 -58.45 44.29
CA ASN B 496 -21.72 -57.07 44.25
C ASN B 496 -22.63 -56.89 43.04
N GLU B 497 -23.74 -56.14 43.21
CA GLU B 497 -24.75 -55.89 42.18
C GLU B 497 -24.24 -55.32 40.85
N ARG B 498 -24.21 -56.20 39.84
CA ARG B 498 -23.80 -55.90 38.47
C ARG B 498 -24.98 -55.27 37.72
N SER B 499 -24.69 -54.49 36.66
CA SER B 499 -25.71 -53.82 35.82
C SER B 499 -26.65 -54.86 35.18
N TYR B 500 -27.97 -54.67 35.37
CA TYR B 500 -29.02 -55.55 34.88
C TYR B 500 -28.99 -55.79 33.36
N ARG B 501 -28.97 -57.07 32.97
CA ARG B 501 -28.96 -57.49 31.56
C ARG B 501 -30.36 -57.35 30.98
N ILE B 502 -30.49 -56.61 29.87
CA ILE B 502 -31.78 -56.37 29.22
C ILE B 502 -31.91 -57.15 27.91
N VAL B 503 -32.94 -58.02 27.82
CA VAL B 503 -33.26 -58.82 26.65
C VAL B 503 -34.74 -58.72 26.31
N ARG B 504 -35.06 -58.06 25.19
CA ARG B 504 -36.44 -57.84 24.75
C ARG B 504 -36.86 -58.87 23.72
N THR B 505 -37.91 -59.64 24.04
CA THR B 505 -38.47 -60.70 23.19
C THR B 505 -40.00 -60.64 23.25
N ALA B 506 -40.64 -60.56 22.08
CA ALA B 506 -42.11 -60.54 21.96
C ALA B 506 -42.67 -61.95 22.15
N ALA B 507 -41.87 -62.98 21.80
CA ALA B 507 -42.23 -64.39 21.95
C ALA B 507 -42.17 -64.79 23.43
N ARG B 508 -42.94 -65.82 23.82
CA ARG B 508 -43.00 -66.31 25.20
C ARG B 508 -41.81 -67.20 25.62
N ASN B 509 -40.75 -67.28 24.78
CA ASN B 509 -39.55 -68.09 25.05
C ASN B 509 -38.26 -67.39 24.64
N THR B 510 -37.24 -67.47 25.51
CA THR B 510 -35.90 -66.89 25.27
C THR B 510 -34.79 -67.75 25.89
N ASP B 511 -33.57 -67.66 25.32
CA ASP B 511 -32.39 -68.40 25.78
C ASP B 511 -31.25 -67.46 26.15
N ILE B 512 -30.59 -67.73 27.30
CA ILE B 512 -29.45 -66.93 27.77
C ILE B 512 -28.18 -67.34 27.02
N LYS B 513 -27.23 -66.41 26.84
CA LYS B 513 -25.97 -66.69 26.14
C LYS B 513 -24.74 -66.08 26.82
N GLY B 514 -23.63 -66.82 26.73
CA GLY B 514 -22.33 -66.43 27.28
C GLY B 514 -22.29 -66.25 28.78
N LEU B 515 -22.45 -67.35 29.53
CA LEU B 515 -22.42 -67.32 30.99
C LEU B 515 -21.41 -68.32 31.55
N ASN B 516 -20.66 -67.89 32.58
CA ASN B 516 -19.64 -68.67 33.26
C ASN B 516 -20.27 -69.81 34.10
N PRO B 517 -19.62 -71.00 34.21
CA PRO B 517 -20.23 -72.09 34.99
C PRO B 517 -20.24 -71.84 36.50
N LEU B 518 -21.11 -72.57 37.23
CA LEU B 518 -21.31 -72.51 38.69
C LEU B 518 -21.83 -71.16 39.22
N THR B 519 -22.38 -70.31 38.33
CA THR B 519 -22.93 -69.00 38.70
C THR B 519 -24.45 -69.02 38.80
N SER B 520 -24.97 -68.88 40.02
CA SER B 520 -26.42 -68.86 40.29
C SER B 520 -27.01 -67.55 39.80
N TYR B 521 -28.14 -67.62 39.08
CA TYR B 521 -28.80 -66.43 38.54
C TYR B 521 -30.29 -66.33 38.81
N VAL B 522 -30.75 -65.11 39.11
CA VAL B 522 -32.15 -64.77 39.37
C VAL B 522 -32.71 -64.12 38.10
N PHE B 523 -33.80 -64.70 37.57
CA PHE B 523 -34.44 -64.25 36.34
C PHE B 523 -35.79 -63.59 36.64
N HIS B 524 -35.99 -62.36 36.12
CA HIS B 524 -37.23 -61.60 36.30
C HIS B 524 -37.79 -61.12 34.97
N VAL B 525 -39.03 -61.55 34.66
CA VAL B 525 -39.74 -61.21 33.43
C VAL B 525 -40.75 -60.07 33.72
N ARG B 526 -41.01 -59.20 32.73
CA ARG B 526 -41.93 -58.09 32.85
C ARG B 526 -42.69 -57.86 31.54
N ALA B 527 -44.04 -57.95 31.60
CA ALA B 527 -44.91 -57.75 30.45
C ALA B 527 -45.07 -56.26 30.14
N ARG B 528 -44.82 -55.86 28.88
CA ARG B 528 -44.91 -54.47 28.46
C ARG B 528 -45.92 -54.26 27.34
N THR B 529 -46.84 -53.29 27.54
CA THR B 529 -47.89 -52.93 26.58
C THR B 529 -47.81 -51.42 26.30
N ALA B 530 -48.58 -50.93 25.30
CA ALA B 530 -48.68 -49.51 24.97
C ALA B 530 -49.50 -48.79 26.05
N ALA B 531 -50.38 -49.55 26.72
CA ALA B 531 -51.25 -49.08 27.80
C ALA B 531 -50.52 -48.81 29.12
N GLY B 532 -49.40 -49.51 29.37
CA GLY B 532 -48.67 -49.31 30.62
C GLY B 532 -47.42 -50.13 30.88
N TYR B 533 -46.96 -50.05 32.14
CA TYR B 533 -45.77 -50.68 32.71
C TYR B 533 -46.19 -51.87 33.60
N GLY B 534 -45.57 -53.02 33.38
CA GLY B 534 -45.86 -54.25 34.12
C GLY B 534 -45.05 -54.40 35.40
N ASP B 535 -45.35 -55.47 36.16
CA ASP B 535 -44.66 -55.78 37.43
C ASP B 535 -43.69 -56.96 37.29
N PHE B 536 -42.74 -57.10 38.23
CA PHE B 536 -41.75 -58.16 38.28
C PHE B 536 -42.36 -59.55 38.47
N SER B 537 -41.80 -60.57 37.80
CA SER B 537 -42.26 -61.96 37.87
C SER B 537 -41.70 -62.72 39.07
N GLU B 538 -41.91 -64.05 39.09
CA GLU B 538 -41.46 -64.99 40.12
C GLU B 538 -39.92 -65.05 40.14
N PRO B 539 -39.26 -64.79 41.30
CA PRO B 539 -37.79 -64.86 41.33
C PRO B 539 -37.30 -66.30 41.27
N LEU B 540 -36.80 -66.71 40.09
CA LEU B 540 -36.31 -68.07 39.84
C LEU B 540 -34.79 -68.13 40.00
N GLU B 541 -34.34 -68.77 41.09
CA GLU B 541 -32.92 -68.94 41.43
C GLU B 541 -32.41 -70.27 40.87
N VAL B 542 -31.73 -70.21 39.69
CA VAL B 542 -31.20 -71.38 38.99
C VAL B 542 -29.66 -71.33 38.92
N THR B 543 -29.01 -72.36 39.47
CA THR B 543 -27.56 -72.52 39.48
C THR B 543 -27.13 -73.18 38.16
N THR B 544 -26.04 -72.69 37.56
CA THR B 544 -25.48 -73.18 36.30
C THR B 544 -24.92 -74.60 36.48
N SER C 34 29.74 22.25 -59.87
CA SER C 34 30.13 21.31 -58.82
C SER C 34 29.88 19.87 -59.28
N LEU C 35 29.58 18.98 -58.33
CA LEU C 35 29.28 17.60 -58.65
C LEU C 35 27.77 17.36 -58.75
N GLU C 36 27.38 16.61 -59.78
CA GLU C 36 25.97 16.31 -60.06
C GLU C 36 25.62 14.94 -59.51
N PRO C 37 24.32 14.73 -59.20
CA PRO C 37 23.88 13.40 -58.77
C PRO C 37 24.16 12.35 -59.85
N VAL C 38 24.66 11.18 -59.43
CA VAL C 38 24.85 10.06 -60.35
C VAL C 38 23.64 9.13 -60.27
N TYR C 39 22.85 9.10 -61.33
CA TYR C 39 21.67 8.23 -61.37
C TYR C 39 22.07 6.83 -61.84
N TRP C 40 21.74 5.81 -61.06
CA TRP C 40 22.23 4.47 -61.39
C TRP C 40 21.22 3.53 -62.08
N ASN C 41 20.95 3.83 -63.35
CA ASN C 41 20.16 2.98 -64.21
C ASN C 41 20.63 3.13 -65.65
N SER C 42 20.04 2.33 -66.55
CA SER C 42 20.38 2.38 -67.97
C SER C 42 19.96 3.72 -68.57
N ALA C 43 18.91 4.30 -68.00
CA ALA C 43 18.34 5.56 -68.47
C ALA C 43 19.33 6.72 -68.42
N ASN C 44 20.41 6.57 -67.66
CA ASN C 44 21.40 7.63 -67.49
C ASN C 44 22.08 8.03 -68.82
N LYS C 45 22.76 7.09 -69.45
CA LYS C 45 23.38 7.37 -70.75
C LYS C 45 24.66 8.19 -70.62
N ARG C 46 24.85 8.80 -69.44
CA ARG C 46 26.08 9.52 -69.16
C ARG C 46 27.19 8.46 -69.15
N PHE C 47 26.78 7.20 -69.00
CA PHE C 47 27.66 6.05 -69.00
C PHE C 47 28.17 5.73 -70.41
N GLN C 48 27.25 5.73 -71.38
CA GLN C 48 27.55 5.43 -72.79
C GLN C 48 28.27 6.59 -73.45
N ALA C 49 28.90 7.45 -72.64
CA ALA C 49 29.60 8.62 -73.15
C ALA C 49 31.06 8.33 -73.48
N GLU C 50 31.67 9.25 -74.23
CA GLU C 50 33.03 9.11 -74.75
C GLU C 50 34.10 8.64 -73.74
N GLY C 51 34.59 9.59 -72.93
CA GLY C 51 35.61 9.30 -71.94
C GLY C 51 35.20 8.25 -70.92
N GLY C 52 33.94 8.29 -70.50
CA GLY C 52 33.36 7.22 -69.70
C GLY C 52 32.93 7.56 -68.28
N TYR C 53 32.25 8.70 -68.11
CA TYR C 53 31.79 9.14 -66.80
C TYR C 53 32.96 9.30 -65.84
N VAL C 54 33.66 10.42 -65.95
CA VAL C 54 34.75 10.75 -65.03
C VAL C 54 34.40 12.00 -64.23
N LEU C 55 34.38 11.85 -62.91
CA LEU C 55 34.19 12.97 -62.01
C LEU C 55 35.51 13.35 -61.33
N TYR C 56 35.73 14.65 -61.14
CA TYR C 56 36.92 15.14 -60.45
C TYR C 56 36.52 15.89 -59.19
N PRO C 57 36.23 15.15 -58.10
CA PRO C 57 35.70 15.79 -56.90
C PRO C 57 36.78 16.56 -56.18
N GLN C 58 36.39 17.67 -55.57
CA GLN C 58 37.29 18.48 -54.78
C GLN C 58 37.24 18.00 -53.34
N ILE C 59 38.35 18.13 -52.62
CA ILE C 59 38.32 17.86 -51.19
C ILE C 59 37.30 18.82 -50.55
N GLY C 60 36.24 18.25 -49.98
CA GLY C 60 35.17 19.04 -49.42
C GLY C 60 33.88 18.85 -50.20
N ASP C 61 33.99 18.15 -51.33
CA ASP C 61 32.82 17.95 -52.19
C ASP C 61 31.92 16.82 -51.70
N ARG C 62 30.62 16.97 -51.91
CA ARG C 62 29.66 15.90 -51.66
C ARG C 62 29.32 15.20 -52.98
N LEU C 63 28.73 14.01 -52.87
CA LEU C 63 28.38 13.20 -54.04
C LEU C 63 27.16 12.35 -53.69
N ASP C 64 26.21 12.27 -54.61
CA ASP C 64 25.04 11.44 -54.39
C ASP C 64 24.93 10.40 -55.49
N LEU C 65 24.59 9.17 -55.09
CA LEU C 65 24.30 8.10 -56.04
C LEU C 65 22.85 7.71 -55.80
N LEU C 66 22.03 7.78 -56.84
CA LEU C 66 20.58 7.60 -56.68
C LEU C 66 20.02 6.39 -57.44
N CYS C 67 19.11 5.67 -56.79
CA CYS C 67 18.37 4.59 -57.41
C CYS C 67 16.88 4.91 -57.35
N PRO C 68 16.40 5.76 -58.28
CA PRO C 68 15.06 6.36 -58.33
C PRO C 68 13.93 5.35 -58.53
N ARG C 69 12.92 5.44 -57.65
CA ARG C 69 11.70 4.63 -57.73
C ARG C 69 11.62 3.63 -58.87
N ALA C 70 11.33 4.13 -60.08
CA ALA C 70 11.06 3.27 -61.24
C ALA C 70 9.97 2.23 -60.94
N ARG C 71 8.96 2.63 -60.18
CA ARG C 71 7.77 1.81 -59.94
C ARG C 71 6.56 2.64 -60.33
N PRO C 72 6.22 3.68 -59.52
CA PRO C 72 5.48 4.78 -60.16
C PRO C 72 6.49 5.62 -60.94
N PRO C 73 6.67 5.31 -62.23
CA PRO C 73 7.80 5.79 -63.04
C PRO C 73 7.84 7.31 -63.27
N GLY C 74 8.65 8.01 -62.48
CA GLY C 74 8.87 9.44 -62.70
C GLY C 74 10.05 9.69 -63.63
N PRO C 75 10.55 10.93 -63.66
CA PRO C 75 11.73 11.25 -64.49
C PRO C 75 12.97 10.57 -63.93
N HIS C 76 14.01 10.44 -64.77
CA HIS C 76 15.29 9.87 -64.33
C HIS C 76 15.28 8.35 -64.08
N SER C 77 14.08 7.76 -63.93
CA SER C 77 13.96 6.31 -63.81
C SER C 77 14.04 5.60 -65.18
N SER C 78 14.25 4.29 -65.15
CA SER C 78 14.49 3.51 -66.36
C SER C 78 13.27 2.65 -66.75
N PRO C 79 13.28 2.10 -67.98
CA PRO C 79 12.27 1.17 -68.51
C PRO C 79 11.66 0.29 -67.43
N SER C 80 12.50 -0.47 -66.73
CA SER C 80 12.08 -1.22 -65.55
C SER C 80 13.18 -1.15 -64.50
N TYR C 81 12.83 -1.47 -63.25
CA TYR C 81 13.79 -1.41 -62.15
C TYR C 81 14.98 -2.34 -62.41
N GLU C 82 16.18 -1.79 -62.29
CA GLU C 82 17.41 -2.55 -62.51
C GLU C 82 18.17 -2.76 -61.20
N PHE C 83 18.13 -3.99 -60.68
CA PHE C 83 18.73 -4.34 -59.39
C PHE C 83 20.27 -4.30 -59.38
N TYR C 84 20.85 -3.36 -58.62
CA TYR C 84 22.30 -3.18 -58.58
C TYR C 84 22.90 -3.16 -57.17
N LYS C 85 24.19 -3.49 -57.10
CA LYS C 85 25.01 -3.21 -55.92
C LYS C 85 26.21 -2.41 -56.39
N LEU C 86 26.43 -1.24 -55.80
CA LEU C 86 27.53 -0.38 -56.20
C LEU C 86 28.69 -0.49 -55.22
N TYR C 87 29.88 -0.75 -55.74
CA TYR C 87 31.08 -0.88 -54.90
C TYR C 87 32.10 0.19 -55.26
N LEU C 88 32.86 0.63 -54.27
CA LEU C 88 33.98 1.54 -54.51
C LEU C 88 35.22 0.67 -54.66
N VAL C 89 35.96 0.85 -55.76
CA VAL C 89 37.01 -0.08 -56.14
C VAL C 89 38.37 0.56 -56.46
N GLU C 90 39.43 -0.20 -56.20
CA GLU C 90 40.81 0.29 -56.28
C GLU C 90 41.28 0.89 -57.62
N GLY C 91 40.42 0.92 -58.62
CA GLY C 91 40.79 1.52 -59.90
C GLY C 91 41.49 0.54 -60.81
N ALA C 92 42.53 -0.11 -60.29
CA ALA C 92 43.15 -1.24 -60.98
C ALA C 92 42.09 -2.31 -61.20
N GLN C 93 41.39 -2.66 -60.12
CA GLN C 93 40.29 -3.63 -60.18
C GLN C 93 39.11 -3.01 -60.92
N GLY C 94 38.99 -1.70 -60.83
CA GLY C 94 37.91 -0.99 -61.49
C GLY C 94 37.96 -1.21 -63.00
N ARG C 95 39.15 -1.11 -63.56
CA ARG C 95 39.36 -1.36 -65.00
C ARG C 95 38.95 -2.79 -65.35
N ARG C 96 39.48 -3.75 -64.59
CA ARG C 96 39.19 -5.16 -64.82
C ARG C 96 37.72 -5.52 -64.58
N CYS C 97 36.93 -4.52 -64.18
CA CYS C 97 35.53 -4.73 -63.85
C CYS C 97 35.35 -5.88 -62.87
N GLU C 98 35.98 -5.76 -61.71
CA GLU C 98 36.02 -6.87 -60.77
C GLU C 98 36.13 -6.39 -59.32
N ALA C 99 35.06 -6.62 -58.55
CA ALA C 99 35.07 -6.38 -57.11
C ALA C 99 35.96 -7.39 -56.40
N PRO C 100 36.71 -6.95 -55.37
CA PRO C 100 37.52 -7.83 -54.53
C PRO C 100 36.61 -8.56 -53.55
N PRO C 101 37.15 -9.53 -52.79
CA PRO C 101 36.28 -10.20 -51.82
C PRO C 101 35.94 -9.24 -50.68
N ALA C 102 34.79 -9.45 -50.03
CA ALA C 102 34.30 -8.55 -49.00
C ALA C 102 34.48 -7.10 -49.46
N PRO C 103 33.80 -6.72 -50.56
CA PRO C 103 34.06 -5.44 -51.23
C PRO C 103 33.57 -4.27 -50.41
N ASN C 104 33.81 -3.06 -50.92
CA ASN C 104 33.33 -1.86 -50.27
C ASN C 104 31.95 -1.48 -50.83
N LEU C 105 30.91 -2.15 -50.36
CA LEU C 105 29.55 -1.88 -50.85
C LEU C 105 29.03 -0.49 -50.40
N LEU C 106 28.74 0.36 -51.39
CA LEU C 106 28.24 1.70 -51.13
C LEU C 106 26.71 1.75 -51.05
N LEU C 107 26.04 1.07 -51.98
CA LEU C 107 24.59 1.19 -52.10
C LEU C 107 23.99 -0.07 -52.71
N THR C 108 22.79 -0.43 -52.26
CA THR C 108 22.14 -1.65 -52.71
C THR C 108 20.70 -1.39 -53.13
N CYS C 109 20.48 -1.31 -54.44
CA CYS C 109 19.17 -1.04 -55.02
C CYS C 109 18.20 -2.22 -55.00
N ASP C 110 17.80 -2.62 -53.79
CA ASP C 110 16.85 -3.70 -53.56
C ASP C 110 15.45 -3.29 -53.97
N ARG C 111 15.08 -2.07 -53.62
CA ARG C 111 13.67 -1.67 -53.55
C ARG C 111 13.21 -0.89 -54.78
N PRO C 112 12.38 -1.53 -55.62
CA PRO C 112 11.83 -0.89 -56.83
C PRO C 112 10.74 0.11 -56.44
N ASP C 113 10.24 -0.01 -55.22
CA ASP C 113 9.20 0.87 -54.68
C ASP C 113 9.73 2.24 -54.27
N LEU C 114 10.94 2.28 -53.75
CA LEU C 114 11.46 3.47 -53.09
C LEU C 114 12.64 4.10 -53.83
N ASP C 115 12.78 5.41 -53.68
CA ASP C 115 14.00 6.09 -54.10
C ASP C 115 15.07 5.76 -53.06
N LEU C 116 16.25 5.36 -53.52
CA LEU C 116 17.37 5.11 -52.63
C LEU C 116 18.46 6.12 -52.93
N ARG C 117 19.22 6.50 -51.91
CA ARG C 117 20.38 7.34 -52.15
C ARG C 117 21.53 7.02 -51.22
N PHE C 118 22.71 7.48 -51.61
CA PHE C 118 23.88 7.37 -50.78
C PHE C 118 24.69 8.62 -51.03
N THR C 119 25.21 9.22 -49.96
CA THR C 119 26.00 10.43 -50.10
C THR C 119 27.37 10.24 -49.47
N ILE C 120 28.39 10.65 -50.22
CA ILE C 120 29.75 10.71 -49.70
C ILE C 120 30.10 12.18 -49.56
N LYS C 121 30.97 12.47 -48.59
CA LYS C 121 31.67 13.75 -48.56
C LYS C 121 33.16 13.42 -48.56
N PHE C 122 33.92 14.11 -49.39
CA PHE C 122 35.35 13.83 -49.47
C PHE C 122 36.04 14.57 -48.33
N GLN C 123 36.15 13.86 -47.21
CA GLN C 123 36.46 14.43 -45.91
C GLN C 123 37.04 13.32 -45.03
N GLU C 124 37.60 13.69 -43.88
CA GLU C 124 38.22 12.72 -42.98
C GLU C 124 37.19 12.01 -42.08
N TYR C 125 36.06 12.63 -41.82
CA TYR C 125 35.04 12.01 -40.97
C TYR C 125 33.92 11.37 -41.81
N SER C 126 33.30 10.34 -41.23
CA SER C 126 32.27 9.57 -41.91
C SER C 126 31.59 8.60 -40.94
N PRO C 127 30.28 8.33 -41.16
CA PRO C 127 29.59 7.31 -40.37
C PRO C 127 30.06 5.90 -40.78
N ASN C 128 31.11 5.82 -41.60
CA ASN C 128 31.70 4.55 -41.98
C ASN C 128 32.70 4.09 -40.92
N LEU C 129 32.59 2.82 -40.51
CA LEU C 129 33.39 2.29 -39.43
C LEU C 129 34.54 1.39 -39.87
N TRP C 130 34.87 1.38 -41.16
CA TRP C 130 35.85 0.40 -41.65
C TRP C 130 37.28 0.93 -41.74
N GLY C 131 37.40 2.25 -41.78
CA GLY C 131 38.70 2.88 -41.86
C GLY C 131 39.27 2.84 -43.26
N HIS C 132 38.41 3.09 -44.25
CA HIS C 132 38.86 3.18 -45.63
C HIS C 132 39.48 4.57 -45.82
N GLU C 133 40.38 4.71 -46.80
CA GLU C 133 40.97 6.02 -47.12
C GLU C 133 41.19 6.29 -48.62
N PHE C 134 41.07 7.56 -48.99
CA PHE C 134 41.18 8.03 -50.38
C PHE C 134 42.56 8.60 -50.71
N ARG C 135 43.49 7.76 -51.15
CA ARG C 135 44.76 8.27 -51.65
C ARG C 135 44.46 9.38 -52.68
N SER C 136 45.23 10.46 -52.64
CA SER C 136 45.19 11.45 -53.71
C SER C 136 46.11 10.96 -54.83
N HIS C 137 45.86 11.42 -56.05
CA HIS C 137 46.64 10.97 -57.20
C HIS C 137 46.45 9.48 -57.45
N HIS C 138 45.33 8.96 -56.95
CA HIS C 138 44.95 7.58 -57.21
C HIS C 138 43.56 7.51 -57.85
N ASP C 139 43.33 6.43 -58.60
CA ASP C 139 42.06 6.25 -59.30
C ASP C 139 41.16 5.27 -58.56
N TYR C 140 39.91 5.66 -58.36
CA TYR C 140 38.91 4.78 -57.77
C TYR C 140 37.71 4.70 -58.69
N TYR C 141 37.04 3.55 -58.72
CA TYR C 141 35.86 3.37 -59.56
C TYR C 141 34.64 3.03 -58.72
N ILE C 142 33.49 3.61 -59.06
CA ILE C 142 32.24 3.11 -58.53
C ILE C 142 31.63 2.20 -59.58
N ILE C 143 31.68 0.90 -59.32
CA ILE C 143 31.27 -0.09 -60.32
C ILE C 143 30.05 -0.90 -59.90
N ALA C 144 29.32 -1.39 -60.89
CA ALA C 144 28.23 -2.35 -60.62
C ALA C 144 28.47 -3.62 -61.44
N THR C 145 28.77 -4.72 -60.75
CA THR C 145 29.08 -6.01 -61.39
C THR C 145 27.86 -6.94 -61.51
N SER C 146 26.70 -6.46 -61.09
CA SER C 146 25.44 -7.17 -61.28
C SER C 146 24.98 -7.07 -62.73
N ASP C 147 24.25 -8.06 -63.21
CA ASP C 147 23.67 -8.02 -64.56
C ASP C 147 22.39 -7.19 -64.54
N GLY C 148 22.05 -6.67 -63.36
CA GLY C 148 20.89 -5.80 -63.22
C GLY C 148 19.62 -6.55 -62.91
N THR C 149 19.76 -7.81 -62.50
CA THR C 149 18.61 -8.63 -62.21
C THR C 149 18.63 -9.08 -60.74
N ARG C 150 17.47 -9.42 -60.19
CA ARG C 150 17.44 -9.84 -58.79
C ARG C 150 18.30 -11.07 -58.56
N GLU C 151 18.41 -11.90 -59.58
CA GLU C 151 19.12 -13.17 -59.44
C GLU C 151 20.62 -12.99 -59.72
N GLY C 152 20.98 -11.87 -60.33
CA GLY C 152 22.37 -11.60 -60.64
C GLY C 152 23.00 -10.64 -59.66
N LEU C 153 22.25 -10.26 -58.63
CA LEU C 153 22.63 -9.19 -57.72
C LEU C 153 23.99 -9.38 -57.04
N GLU C 154 24.20 -10.56 -56.45
CA GLU C 154 25.39 -10.81 -55.65
C GLU C 154 26.66 -11.00 -56.50
N SER C 155 26.52 -10.97 -57.81
CA SER C 155 27.67 -11.11 -58.72
C SER C 155 28.78 -10.12 -58.32
N LEU C 156 30.00 -10.63 -58.19
CA LEU C 156 31.14 -9.80 -57.80
C LEU C 156 32.11 -9.53 -58.94
N GLN C 157 31.78 -10.01 -60.14
CA GLN C 157 32.67 -9.84 -61.29
C GLN C 157 31.93 -9.29 -62.51
N GLY C 158 32.54 -8.28 -63.14
CA GLY C 158 31.95 -7.47 -64.19
C GLY C 158 30.65 -7.90 -64.83
N GLY C 159 29.55 -7.22 -64.49
CA GLY C 159 28.27 -7.49 -65.12
C GLY C 159 27.93 -6.33 -66.05
N VAL C 160 27.01 -5.48 -65.60
CA VAL C 160 26.66 -4.25 -66.31
C VAL C 160 27.87 -3.31 -66.42
N CYS C 161 28.84 -3.51 -65.54
CA CYS C 161 30.12 -2.82 -65.62
C CYS C 161 30.74 -3.03 -67.00
N LEU C 162 30.56 -4.24 -67.54
CA LEU C 162 30.99 -4.57 -68.91
C LEU C 162 29.88 -4.29 -69.91
N THR C 163 28.81 -5.09 -69.83
CA THR C 163 27.60 -4.89 -70.62
C THR C 163 27.36 -3.43 -71.02
N ARG C 164 26.82 -2.64 -70.09
CA ARG C 164 26.46 -1.25 -70.39
C ARG C 164 27.56 -0.25 -70.04
N GLY C 165 28.73 -0.74 -69.66
CA GLY C 165 29.85 0.12 -69.29
C GLY C 165 29.51 1.01 -68.09
N MET C 166 28.89 0.41 -67.08
CA MET C 166 28.46 1.11 -65.87
C MET C 166 29.54 1.17 -64.79
N LYS C 167 30.48 2.09 -64.98
CA LYS C 167 31.45 2.44 -63.94
C LYS C 167 31.72 3.94 -63.98
N VAL C 168 32.23 4.48 -62.87
CA VAL C 168 32.59 5.88 -62.82
C VAL C 168 33.98 6.06 -62.21
N LEU C 169 34.87 6.71 -62.96
CA LEU C 169 36.21 6.99 -62.43
C LEU C 169 36.13 8.23 -61.53
N LEU C 170 36.82 8.17 -60.40
CA LEU C 170 36.91 9.31 -59.50
C LEU C 170 38.37 9.71 -59.30
N ARG C 171 38.70 10.92 -59.76
CA ARG C 171 40.04 11.47 -59.55
C ARG C 171 39.93 12.68 -58.63
N VAL C 172 40.35 12.49 -57.38
CA VAL C 172 40.10 13.44 -56.31
C VAL C 172 41.23 14.45 -56.15
N GLY C 173 40.88 15.73 -56.13
CA GLY C 173 41.83 16.82 -55.97
C GLY C 173 43.03 16.51 -55.11
N GLN C 174 44.21 16.87 -55.60
CA GLN C 174 45.48 16.57 -54.93
C GLN C 174 45.45 16.82 -53.42
N SER D 34 65.45 23.67 -2.40
CA SER D 34 64.18 24.16 -2.93
C SER D 34 63.64 25.29 -2.07
N LEU D 35 62.31 25.41 -2.01
CA LEU D 35 61.67 26.43 -1.19
C LEU D 35 61.27 25.89 0.18
N GLU D 36 61.53 26.68 1.22
CA GLU D 36 61.24 26.30 2.60
C GLU D 36 59.93 26.92 3.05
N PRO D 37 59.27 26.28 4.03
CA PRO D 37 58.06 26.88 4.59
C PRO D 37 58.34 28.27 5.19
N VAL D 38 57.45 29.22 4.93
CA VAL D 38 57.55 30.54 5.55
C VAL D 38 56.67 30.60 6.79
N TYR D 39 57.29 30.65 7.96
CA TYR D 39 56.53 30.72 9.21
C TYR D 39 56.18 32.17 9.53
N TRP D 40 54.90 32.45 9.73
CA TRP D 40 54.49 33.85 9.89
C TRP D 40 54.23 34.32 11.34
N ASN D 41 55.32 34.48 12.08
CA ASN D 41 55.31 35.08 13.41
C ASN D 41 56.63 35.80 13.65
N SER D 42 56.73 36.48 14.80
CA SER D 42 57.93 37.20 15.18
C SER D 42 59.09 36.22 15.40
N ALA D 43 58.73 35.01 15.83
CA ALA D 43 59.71 33.97 16.15
C ALA D 43 60.58 33.57 14.96
N ASN D 44 60.15 33.93 13.75
CA ASN D 44 60.88 33.57 12.53
C ASN D 44 62.30 34.16 12.48
N LYS D 45 62.40 35.49 12.50
CA LYS D 45 63.71 36.12 12.53
C LYS D 45 64.39 36.10 11.14
N ARG D 46 63.88 35.26 10.25
CA ARG D 46 64.36 35.23 8.88
C ARG D 46 64.01 36.59 8.27
N PHE D 47 63.06 37.26 8.93
CA PHE D 47 62.58 38.59 8.56
C PHE D 47 63.61 39.68 8.90
N GLN D 48 64.14 39.60 10.11
CA GLN D 48 65.13 40.56 10.62
C GLN D 48 66.51 40.34 9.99
N ALA D 49 66.52 39.67 8.84
CA ALA D 49 67.76 39.35 8.14
C ALA D 49 68.19 40.46 7.17
N GLU D 50 69.45 40.39 6.74
CA GLU D 50 70.09 41.41 5.92
C GLU D 50 69.29 41.88 4.69
N GLY D 51 69.32 41.09 3.62
CA GLY D 51 68.61 41.42 2.39
C GLY D 51 67.12 41.58 2.56
N GLY D 52 66.53 40.73 3.39
CA GLY D 52 65.15 40.90 3.81
C GLY D 52 64.14 39.84 3.39
N TYR D 53 64.51 38.57 3.53
CA TYR D 53 63.64 37.45 3.15
C TYR D 53 63.27 37.53 1.68
N VAL D 54 64.18 37.10 0.82
CA VAL D 54 63.90 37.02 -0.62
C VAL D 54 63.93 35.58 -1.08
N LEU D 55 62.82 35.14 -1.65
CA LEU D 55 62.72 33.81 -2.26
C LEU D 55 62.73 33.94 -3.79
N TYR D 56 63.39 32.98 -4.45
CA TYR D 56 63.42 32.94 -5.91
C TYR D 56 62.79 31.64 -6.40
N PRO D 57 61.44 31.61 -6.46
CA PRO D 57 60.76 30.36 -6.78
C PRO D 57 60.90 30.04 -8.26
N GLN D 58 60.98 28.75 -8.55
CA GLN D 58 61.06 28.27 -9.92
C GLN D 58 59.65 28.01 -10.42
N ILE D 59 59.42 28.19 -11.71
CA ILE D 59 58.15 27.79 -12.28
C ILE D 59 57.98 26.27 -12.04
N GLY D 60 56.96 25.92 -11.26
CA GLY D 60 56.72 24.54 -10.88
C GLY D 60 56.93 24.36 -9.39
N ASP D 61 57.42 25.41 -8.72
CA ASP D 61 57.69 25.31 -7.29
C ASP D 61 56.44 25.50 -6.45
N ARG D 62 56.38 24.81 -5.31
CA ARG D 62 55.35 25.02 -4.31
C ARG D 62 55.87 25.92 -3.20
N LEU D 63 54.96 26.46 -2.40
CA LEU D 63 55.32 27.37 -1.30
C LEU D 63 54.27 27.25 -0.21
N ASP D 64 54.70 27.20 1.04
CA ASP D 64 53.78 27.15 2.15
C ASP D 64 53.99 28.33 3.07
N LEU D 65 52.89 28.91 3.54
CA LEU D 65 52.93 29.95 4.54
C LEU D 65 52.18 29.41 5.76
N LEU D 66 52.84 29.36 6.91
CA LEU D 66 52.27 28.70 8.07
C LEU D 66 52.02 29.64 9.26
N CYS D 67 50.89 29.44 9.93
CA CYS D 67 50.57 30.13 11.16
C CYS D 67 50.35 29.11 12.26
N PRO D 68 51.47 28.62 12.85
CA PRO D 68 51.54 27.49 13.81
C PRO D 68 50.83 27.76 15.12
N ARG D 69 49.97 26.81 15.52
CA ARG D 69 49.27 26.82 16.81
C ARG D 69 49.55 28.01 17.72
N ALA D 70 50.72 27.99 18.39
CA ALA D 70 51.06 28.96 19.42
C ALA D 70 49.95 29.08 20.49
N ARG D 71 49.37 27.94 20.85
CA ARG D 71 48.42 27.85 21.95
C ARG D 71 48.93 26.76 22.90
N PRO D 72 48.83 25.48 22.48
CA PRO D 72 49.80 24.53 23.06
C PRO D 72 51.13 24.74 22.34
N PRO D 73 52.00 25.60 22.90
CA PRO D 73 53.16 26.15 22.20
C PRO D 73 54.24 25.12 21.83
N GLY D 74 54.23 24.68 20.57
CA GLY D 74 55.28 23.81 20.05
C GLY D 74 56.43 24.60 19.45
N PRO D 75 57.31 23.94 18.69
CA PRO D 75 58.40 24.65 18.02
C PRO D 75 57.86 25.56 16.92
N HIS D 76 58.68 26.53 16.50
CA HIS D 76 58.30 27.44 15.41
C HIS D 76 57.21 28.48 15.75
N SER D 77 56.48 28.25 16.85
CA SER D 77 55.51 29.23 17.33
C SER D 77 56.18 30.36 18.13
N SER D 78 55.43 31.46 18.33
CA SER D 78 55.97 32.67 18.95
C SER D 78 55.49 32.85 20.39
N PRO D 79 56.13 33.79 21.13
CA PRO D 79 55.77 34.18 22.51
C PRO D 79 54.26 34.08 22.77
N SER D 80 53.47 34.79 21.96
CA SER D 80 52.02 34.66 21.98
C SER D 80 51.49 34.73 20.55
N TYR D 81 50.26 34.28 20.34
CA TYR D 81 49.66 34.27 19.00
C TYR D 81 49.59 35.67 18.42
N GLU D 82 50.11 35.84 17.21
CA GLU D 82 50.11 37.13 16.53
C GLU D 82 49.15 37.13 15.33
N PHE D 83 48.01 37.82 15.50
CA PHE D 83 46.96 37.86 14.49
C PHE D 83 47.33 38.62 13.20
N TYR D 84 47.43 37.89 12.08
CA TYR D 84 47.85 38.48 10.80
C TYR D 84 46.90 38.20 9.63
N LYS D 85 46.95 39.07 8.63
CA LYS D 85 46.39 38.79 7.31
C LYS D 85 47.51 39.00 6.30
N LEU D 86 47.78 37.98 5.49
CA LEU D 86 48.86 38.06 4.50
C LEU D 86 48.28 38.33 3.11
N TYR D 87 48.82 39.36 2.45
CA TYR D 87 48.37 39.73 1.10
C TYR D 87 49.52 39.58 0.11
N LEU D 88 49.19 39.22 -1.12
CA LEU D 88 50.17 39.23 -2.20
C LEU D 88 50.05 40.58 -2.90
N VAL D 89 51.19 41.27 -3.04
CA VAL D 89 51.19 42.67 -3.45
C VAL D 89 52.13 43.01 -4.61
N GLU D 90 51.74 44.02 -5.40
CA GLU D 90 52.41 44.39 -6.64
C GLU D 90 53.91 44.73 -6.58
N GLY D 91 54.51 44.68 -5.39
CA GLY D 91 55.93 44.95 -5.28
C GLY D 91 56.23 46.43 -5.13
N ALA D 92 55.68 47.24 -6.03
CA ALA D 92 55.71 48.68 -5.88
C ALA D 92 55.00 49.04 -4.58
N GLN D 93 53.79 48.49 -4.40
CA GLN D 93 53.02 48.69 -3.18
C GLN D 93 53.68 47.93 -2.03
N GLY D 94 54.35 46.84 -2.37
CA GLY D 94 55.03 46.03 -1.38
C GLY D 94 56.07 46.84 -0.64
N ARG D 95 56.85 47.62 -1.39
CA ARG D 95 57.87 48.49 -0.81
C ARG D 95 57.22 49.51 0.13
N ARG D 96 56.18 50.18 -0.37
CA ARG D 96 55.47 51.20 0.40
C ARG D 96 54.73 50.62 1.61
N CYS D 97 54.82 49.30 1.77
CA CYS D 97 54.12 48.60 2.84
C CYS D 97 52.64 48.98 2.87
N GLU D 98 51.95 48.72 1.76
CA GLU D 98 50.58 49.18 1.61
C GLU D 98 49.76 48.28 0.69
N ALA D 99 48.78 47.59 1.28
CA ALA D 99 47.81 46.82 0.51
C ALA D 99 46.86 47.75 -0.26
N PRO D 100 46.51 47.37 -1.50
CA PRO D 100 45.52 48.11 -2.30
C PRO D 100 44.13 47.78 -1.79
N PRO D 101 43.10 48.47 -2.31
CA PRO D 101 41.74 48.13 -1.85
C PRO D 101 41.34 46.76 -2.40
N ALA D 102 40.45 46.06 -1.70
CA ALA D 102 40.06 44.69 -2.05
C ALA D 102 41.31 43.89 -2.42
N PRO D 103 42.22 43.72 -1.45
CA PRO D 103 43.55 43.17 -1.73
C PRO D 103 43.48 41.68 -2.06
N ASN D 104 44.64 41.12 -2.39
CA ASN D 104 44.73 39.69 -2.66
C ASN D 104 45.07 38.94 -1.38
N LEU D 105 44.07 38.71 -0.53
CA LEU D 105 44.28 38.01 0.73
C LEU D 105 44.63 36.52 0.55
N LEU D 106 45.82 36.14 0.99
CA LEU D 106 46.29 34.76 0.88
C LEU D 106 45.91 33.91 2.10
N LEU D 107 46.07 34.46 3.30
CA LEU D 107 45.90 33.68 4.52
C LEU D 107 45.49 34.58 5.68
N THR D 108 44.65 34.04 6.56
CA THR D 108 44.14 34.82 7.69
C THR D 108 44.28 34.05 9.00
N CYS D 109 45.28 34.43 9.78
CA CYS D 109 45.60 33.79 11.06
C CYS D 109 44.66 34.19 12.20
N ASP D 110 43.41 33.77 12.08
CA ASP D 110 42.37 34.00 13.08
C ASP D 110 42.59 33.15 14.31
N ARG D 111 42.95 31.89 14.09
CA ARG D 111 42.80 30.85 15.10
C ARG D 111 44.10 30.54 15.82
N PRO D 112 44.19 30.94 17.10
CA PRO D 112 45.37 30.67 17.93
C PRO D 112 45.41 29.21 18.36
N ASP D 113 44.26 28.53 18.22
CA ASP D 113 44.13 27.12 18.56
C ASP D 113 44.73 26.18 17.53
N LEU D 114 44.63 26.56 16.26
CA LEU D 114 44.94 25.65 15.16
C LEU D 114 46.15 26.09 14.34
N ASP D 115 46.85 25.12 13.76
CA ASP D 115 47.84 25.40 12.74
C ASP D 115 47.10 25.76 11.47
N LEU D 116 47.50 26.86 10.83
CA LEU D 116 46.91 27.26 9.55
C LEU D 116 47.99 27.17 8.49
N ARG D 117 47.60 26.86 7.27
CA ARG D 117 48.55 26.92 6.16
C ARG D 117 47.91 27.36 4.87
N PHE D 118 48.75 27.78 3.95
CA PHE D 118 48.32 28.12 2.61
C PHE D 118 49.43 27.70 1.69
N THR D 119 49.08 27.07 0.57
CA THR D 119 50.08 26.62 -0.38
C THR D 119 49.81 27.21 -1.76
N ILE D 120 50.87 27.73 -2.37
CA ILE D 120 50.80 28.16 -3.76
C ILE D 120 51.63 27.17 -4.56
N LYS D 121 51.26 27.01 -5.83
CA LYS D 121 52.15 26.39 -6.79
C LYS D 121 52.29 27.40 -7.93
N PHE D 122 53.52 27.61 -8.38
CA PHE D 122 53.76 28.58 -9.44
C PHE D 122 53.47 27.92 -10.78
N GLN D 123 52.20 28.04 -11.18
CA GLN D 123 51.61 27.23 -12.22
C GLN D 123 50.42 28.00 -12.79
N GLU D 124 49.87 27.53 -13.92
CA GLU D 124 48.74 28.20 -14.55
C GLU D 124 47.38 27.85 -13.93
N TYR D 125 47.29 26.68 -13.28
CA TYR D 125 46.02 26.29 -12.66
C TYR D 125 46.04 26.53 -11.15
N SER D 126 44.84 26.75 -10.62
CA SER D 126 44.67 27.09 -9.21
C SER D 126 43.20 27.07 -8.80
N PRO D 127 42.91 26.69 -7.55
CA PRO D 127 41.54 26.79 -7.04
C PRO D 127 41.14 28.26 -6.81
N ASN D 128 41.98 29.19 -7.26
CA ASN D 128 41.67 30.62 -7.19
C ASN D 128 40.80 31.02 -8.37
N LEU D 129 39.72 31.76 -8.09
CA LEU D 129 38.75 32.11 -9.12
C LEU D 129 38.83 33.57 -9.58
N TRP D 130 39.91 34.28 -9.24
CA TRP D 130 39.95 35.73 -9.52
C TRP D 130 40.66 36.09 -10.81
N GLY D 131 41.49 35.17 -11.30
CA GLY D 131 42.24 35.40 -12.53
C GLY D 131 43.43 36.30 -12.31
N HIS D 132 44.14 36.08 -11.21
CA HIS D 132 45.37 36.81 -10.95
C HIS D 132 46.47 36.17 -11.79
N GLU D 133 47.52 36.93 -12.13
CA GLU D 133 48.68 36.37 -12.85
C GLU D 133 50.05 36.90 -12.40
N PHE D 134 51.06 36.02 -12.50
CA PHE D 134 52.43 36.32 -12.09
C PHE D 134 53.34 36.72 -13.24
N ARG D 135 53.41 38.02 -13.54
CA ARG D 135 54.41 38.49 -14.50
C ARG D 135 55.78 37.93 -14.11
N SER D 136 56.56 37.49 -15.08
CA SER D 136 57.96 37.17 -14.84
C SER D 136 58.76 38.46 -14.93
N HIS D 137 59.92 38.50 -14.28
CA HIS D 137 60.73 39.71 -14.23
C HIS D 137 60.00 40.84 -13.51
N HIS D 138 59.05 40.46 -12.66
CA HIS D 138 58.35 41.41 -11.81
C HIS D 138 58.49 41.02 -10.34
N ASP D 139 58.39 42.01 -9.47
CA ASP D 139 58.52 41.79 -8.04
C ASP D 139 57.16 41.77 -7.34
N TYR D 140 56.94 40.74 -6.52
CA TYR D 140 55.74 40.65 -5.72
C TYR D 140 56.14 40.48 -4.26
N TYR D 141 55.33 41.02 -3.35
CA TYR D 141 55.59 40.90 -1.92
C TYR D 141 54.46 40.18 -1.20
N ILE D 142 54.79 39.29 -0.27
CA ILE D 142 53.79 38.80 0.67
C ILE D 142 53.93 39.62 1.94
N ILE D 143 52.99 40.52 2.17
CA ILE D 143 53.10 41.47 3.28
C ILE D 143 52.01 41.27 4.33
N ALA D 144 52.31 41.69 5.56
CA ALA D 144 51.30 41.73 6.61
C ALA D 144 51.25 43.14 7.19
N THR D 145 50.14 43.85 6.95
CA THR D 145 49.95 45.24 7.39
C THR D 145 49.22 45.37 8.73
N SER D 146 48.90 44.23 9.35
CA SER D 146 48.33 44.21 10.70
C SER D 146 49.42 44.50 11.73
N ASP D 147 49.04 45.07 12.86
CA ASP D 147 49.97 45.29 13.96
C ASP D 147 50.14 44.01 14.77
N GLY D 148 49.45 42.96 14.33
CA GLY D 148 49.58 41.65 14.95
C GLY D 148 48.61 41.44 16.09
N THR D 149 47.59 42.29 16.15
CA THR D 149 46.60 42.20 17.22
C THR D 149 45.20 41.94 16.64
N ARG D 150 44.30 41.38 17.43
CA ARG D 150 42.98 41.09 16.92
C ARG D 150 42.27 42.37 16.47
N GLU D 151 42.60 43.48 17.12
CA GLU D 151 41.93 44.74 16.85
C GLU D 151 42.59 45.48 15.69
N GLY D 152 43.81 45.08 15.34
CA GLY D 152 44.52 45.72 14.26
C GLY D 152 44.48 44.90 12.98
N LEU D 153 43.73 43.81 13.01
CA LEU D 153 43.73 42.82 11.93
C LEU D 153 43.41 43.37 10.54
N GLU D 154 42.31 44.13 10.44
CA GLU D 154 41.83 44.60 9.15
C GLU D 154 42.66 45.74 8.56
N SER D 155 43.67 46.19 9.30
CA SER D 155 44.55 47.26 8.81
C SER D 155 45.08 46.92 7.42
N LEU D 156 44.98 47.87 6.49
CA LEU D 156 45.42 47.68 5.12
C LEU D 156 46.70 48.43 4.77
N GLN D 157 47.27 49.13 5.76
CA GLN D 157 48.47 49.92 5.52
C GLN D 157 49.56 49.64 6.56
N GLY D 158 50.78 49.45 6.04
CA GLY D 158 51.94 48.96 6.79
C GLY D 158 51.88 48.90 8.30
N GLY D 159 51.76 47.68 8.83
CA GLY D 159 51.79 47.48 10.27
C GLY D 159 53.11 46.82 10.65
N VAL D 160 53.05 45.53 10.93
CA VAL D 160 54.24 44.72 11.19
C VAL D 160 55.15 44.68 9.96
N CYS D 161 54.58 44.95 8.80
CA CYS D 161 55.34 45.12 7.58
C CYS D 161 56.44 46.18 7.78
N LEU D 162 56.11 47.22 8.55
CA LEU D 162 57.08 48.25 8.94
C LEU D 162 57.76 47.88 10.25
N THR D 163 56.98 47.91 11.34
CA THR D 163 57.43 47.46 12.66
C THR D 163 58.53 46.40 12.60
N ARG D 164 58.15 45.15 12.36
CA ARG D 164 59.11 44.05 12.39
C ARG D 164 59.69 43.71 11.02
N GLY D 165 59.38 44.52 10.02
CA GLY D 165 59.85 44.28 8.66
C GLY D 165 59.37 42.95 8.10
N MET D 166 58.07 42.66 8.31
CA MET D 166 57.45 41.41 7.88
C MET D 166 56.90 41.48 6.47
N LYS D 167 57.81 41.35 5.49
CA LYS D 167 57.43 41.15 4.10
C LYS D 167 58.39 40.17 3.43
N VAL D 168 57.96 39.57 2.33
CA VAL D 168 58.84 38.68 1.58
C VAL D 168 58.79 39.00 0.09
N LEU D 169 59.95 39.28 -0.49
CA LEU D 169 60.03 39.53 -1.92
C LEU D 169 60.03 38.19 -2.67
N LEU D 170 59.29 38.12 -3.76
CA LEU D 170 59.27 36.93 -4.61
C LEU D 170 59.69 37.29 -6.02
N ARG D 171 60.83 36.74 -6.44
CA ARG D 171 61.30 36.92 -7.80
C ARG D 171 61.27 35.58 -8.51
N VAL D 172 60.29 35.43 -9.41
CA VAL D 172 59.96 34.14 -10.00
C VAL D 172 60.68 33.89 -11.31
N GLY D 173 61.34 32.73 -11.41
CA GLY D 173 62.08 32.33 -12.60
C GLY D 173 61.49 32.82 -13.91
N GLN D 174 62.37 33.36 -14.76
CA GLN D 174 61.98 33.97 -16.05
C GLN D 174 60.93 33.13 -16.81
#